data_8G0G
#
_entry.id   8G0G
#
_cell.length_a   69.360
_cell.length_b   69.399
_cell.length_c   69.670
_cell.angle_alpha   64.51
_cell.angle_beta   76.51
_cell.angle_gamma   81.19
#
_symmetry.space_group_name_H-M   'P 1'
#
loop_
_entity.id
_entity.type
_entity.pdbx_description
1 polymer 'Diphtheria toxin'
2 non-polymer "ADENYLYL-3'-5'-PHOSPHO-URIDINE-3'-MONOPHOSPHATE"
3 water water
#
_entity_poly.entity_id   1
_entity_poly.type   'polypeptide(L)'
_entity_poly.pdbx_seq_one_letter_code
;MGADDVVDSSKSFVMENFSSYHGTKPGYVDSIQKGIQKPKSGTQGNYDDDWEGFYSTDNKYDAAGYSVDNENPLSGKAGG
VVKVTYPGLTKVLALKVDNAETIKKELGLSLTEPLMEQVGTEEFIKRFGDGASRVVLSLPFAEGSSSVKYINNWEQAKAL
SVELEINFETRGKRGQDAMYEYMAQACAGNRVRRSVGSSLSCINLDWDVIRDKTKTKIESLKEQGPIKNKMSESPNKTVS
EEKAKQYLEEFHQTALEQPELSELKTVTGTNPVFAGANYAAWAVNVAQVIDSETADNLEKTTAALSILPGIGSVMGIADG
AVHHNTEEIVAQSIALSSLMVAQAIPLVGELVDIGFAAYNFVESIINLFQVVHNSYNRPAYSPGHKTQPFLHDGYAVSWN
TVEDSIIRTGFQGESGHDIKITAENTPLPIAGVLLPTIPGKLDVNKSKTHISVNGRKIRMRCRAIDGDVTFCRPKSPVYV
GNGVHANLHVAFHRSSSEKIHSNEISSDSIGVLGYQKTVDHTKVNSKLSLFFEIKSMA
;
_entity_poly.pdbx_strand_id   A,B
#
# COMPACT_ATOMS: atom_id res chain seq x y z
N ALA A 3 -10.11 35.06 1.82
CA ALA A 3 -9.21 35.25 0.69
C ALA A 3 -7.84 34.62 0.99
N ASP A 4 -7.43 34.72 2.26
CA ASP A 4 -6.21 34.05 2.69
C ASP A 4 -6.34 32.53 2.57
N ASP A 5 -7.51 31.99 2.90
CA ASP A 5 -7.71 30.54 2.89
C ASP A 5 -7.61 29.92 1.50
N VAL A 6 -7.58 30.72 0.44
CA VAL A 6 -7.46 30.19 -0.92
C VAL A 6 -6.18 30.63 -1.63
N VAL A 7 -5.54 31.71 -1.19
CA VAL A 7 -4.33 32.21 -1.83
C VAL A 7 -3.14 31.78 -1.00
N ASP A 8 -2.21 31.08 -1.63
CA ASP A 8 -0.88 30.83 -1.06
C ASP A 8 -0.03 32.08 -1.28
N SER A 9 -0.25 33.08 -0.42
CA SER A 9 0.45 34.34 -0.59
C SER A 9 1.96 34.18 -0.58
N SER A 10 2.48 33.08 -0.04
CA SER A 10 3.93 32.90 -0.02
C SER A 10 4.51 32.36 -1.31
N LYS A 11 3.68 31.75 -2.18
CA LYS A 11 4.11 31.31 -3.51
C LYS A 11 3.67 32.28 -4.60
N SER A 12 3.12 33.42 -4.23
CA SER A 12 2.69 34.44 -5.17
C SER A 12 3.75 35.52 -5.25
N PHE A 13 3.84 36.18 -6.41
CA PHE A 13 4.85 37.20 -6.60
C PHE A 13 4.54 38.01 -7.84
N VAL A 14 5.11 39.22 -7.90
CA VAL A 14 5.08 40.03 -9.12
C VAL A 14 6.46 39.95 -9.79
N MET A 15 6.45 39.91 -11.12
CA MET A 15 7.68 39.74 -11.88
C MET A 15 7.58 40.50 -13.20
N GLU A 16 8.72 41.03 -13.66
CA GLU A 16 8.81 41.63 -14.97
C GLU A 16 9.22 40.60 -16.00
N ASN A 17 8.63 40.69 -17.19
CA ASN A 17 8.93 39.76 -18.27
C ASN A 17 8.71 38.31 -17.82
N PHE A 18 7.62 38.09 -17.10
CA PHE A 18 7.23 36.73 -16.75
C PHE A 18 7.11 35.86 -17.99
N SER A 19 7.76 34.72 -17.96
CA SER A 19 7.78 33.78 -19.06
C SER A 19 7.40 32.39 -18.57
N SER A 20 6.92 31.55 -19.50
CA SER A 20 6.50 30.18 -19.19
C SER A 20 6.48 29.40 -20.52
N TYR A 21 6.18 28.10 -20.43
CA TYR A 21 6.28 27.24 -21.60
C TYR A 21 4.96 26.56 -21.92
N HIS A 22 4.74 26.35 -23.22
CA HIS A 22 3.50 25.77 -23.74
C HIS A 22 3.83 24.68 -24.74
N GLY A 23 3.32 23.47 -24.48
CA GLY A 23 3.49 22.36 -25.39
C GLY A 23 2.53 22.48 -26.56
N THR A 24 3.03 22.26 -27.77
CA THR A 24 2.29 22.57 -28.98
C THR A 24 2.32 21.40 -29.97
N LYS A 25 1.18 21.14 -30.56
CA LYS A 25 1.05 19.89 -31.31
C LYS A 25 1.40 20.09 -32.78
N PRO A 26 1.63 19.00 -33.50
CA PRO A 26 2.08 19.13 -34.89
C PRO A 26 1.05 19.90 -35.69
N GLY A 27 1.52 20.94 -36.38
CA GLY A 27 0.65 21.83 -37.13
C GLY A 27 0.58 23.24 -36.60
N TYR A 28 0.94 23.46 -35.33
CA TYR A 28 0.81 24.77 -34.73
C TYR A 28 2.12 25.32 -34.20
N VAL A 29 3.24 24.61 -34.40
CA VAL A 29 4.48 25.13 -33.86
C VAL A 29 4.82 26.48 -34.51
N ASP A 30 4.41 26.69 -35.76
CA ASP A 30 4.72 27.96 -36.42
C ASP A 30 3.60 28.98 -36.25
N SER A 31 2.36 28.53 -36.43
CA SER A 31 1.25 29.47 -36.35
C SER A 31 1.11 30.08 -34.95
N ILE A 32 1.27 29.27 -33.89
CA ILE A 32 1.15 29.82 -32.55
C ILE A 32 2.15 30.94 -32.30
N GLN A 33 3.25 30.98 -33.04
CA GLN A 33 4.21 32.06 -32.84
C GLN A 33 3.70 33.41 -33.33
N LYS A 34 2.62 33.43 -34.09
CA LYS A 34 2.00 34.69 -34.51
C LYS A 34 1.19 35.33 -33.40
N GLY A 35 0.82 34.57 -32.39
CA GLY A 35 0.07 35.11 -31.27
C GLY A 35 -0.82 34.04 -30.68
N ILE A 36 -1.00 34.12 -29.37
CA ILE A 36 -1.90 33.21 -28.67
C ILE A 36 -3.34 33.67 -28.89
N GLN A 37 -4.15 32.80 -29.49
CA GLN A 37 -5.55 33.13 -29.73
C GLN A 37 -6.42 31.95 -29.35
N LYS A 38 -7.56 32.26 -28.76
CA LYS A 38 -8.52 31.25 -28.37
C LYS A 38 -9.09 30.57 -29.60
N PRO A 39 -9.06 29.24 -29.69
CA PRO A 39 -9.69 28.56 -30.82
C PRO A 39 -11.22 28.64 -30.74
N LYS A 40 -11.85 28.73 -31.91
CA LYS A 40 -13.31 28.81 -31.98
C LYS A 40 -13.89 27.53 -32.59
N ASP A 48 -15.67 22.59 -17.64
CA ASP A 48 -16.13 23.74 -16.84
C ASP A 48 -15.58 25.05 -17.41
N ASP A 49 -16.49 25.95 -17.82
CA ASP A 49 -16.12 27.29 -18.28
C ASP A 49 -15.32 28.05 -17.22
N ASP A 50 -15.41 27.68 -15.94
CA ASP A 50 -14.66 28.42 -14.93
C ASP A 50 -13.16 28.42 -15.22
N TRP A 51 -12.64 27.36 -15.82
CA TRP A 51 -11.21 27.21 -16.02
C TRP A 51 -10.83 27.35 -17.48
N GLU A 52 -11.71 27.90 -18.31
CA GLU A 52 -11.33 28.13 -19.70
C GLU A 52 -10.25 29.19 -19.77
N GLY A 53 -9.15 28.86 -20.42
CA GLY A 53 -8.01 29.76 -20.52
C GLY A 53 -6.88 29.08 -21.28
N PHE A 54 -5.79 29.81 -21.43
CA PHE A 54 -4.59 29.32 -22.08
C PHE A 54 -3.66 28.79 -20.99
N TYR A 55 -3.26 27.53 -21.11
CA TYR A 55 -2.47 26.86 -20.08
C TYR A 55 -0.99 26.87 -20.45
N SER A 56 -0.14 27.15 -19.46
CA SER A 56 1.30 26.99 -19.64
C SER A 56 1.91 26.44 -18.36
N THR A 57 3.21 26.13 -18.42
CA THR A 57 3.90 25.57 -17.26
C THR A 57 5.27 26.19 -17.10
N ASP A 58 5.82 26.11 -15.88
CA ASP A 58 7.17 26.61 -15.62
C ASP A 58 8.24 25.64 -16.09
N ASN A 59 7.88 24.45 -16.56
CA ASN A 59 8.84 23.39 -16.81
C ASN A 59 8.71 23.02 -18.26
N LYS A 60 9.76 23.32 -19.04
CA LYS A 60 9.71 23.08 -20.47
C LYS A 60 9.60 21.61 -20.80
N TYR A 61 10.04 20.73 -19.89
CA TYR A 61 9.93 19.29 -20.13
C TYR A 61 8.49 18.80 -19.94
N ASP A 62 7.77 19.33 -18.93
CA ASP A 62 6.36 19.01 -18.82
C ASP A 62 5.55 19.60 -19.98
N ALA A 63 5.91 20.80 -20.43
CA ALA A 63 5.27 21.35 -21.64
C ALA A 63 5.36 20.37 -22.80
N ALA A 64 6.52 19.72 -22.97
CA ALA A 64 6.71 18.83 -24.12
C ALA A 64 5.79 17.62 -24.05
N GLY A 65 5.43 17.18 -22.85
CA GLY A 65 4.45 16.11 -22.68
C GLY A 65 3.10 16.40 -23.30
N TYR A 66 2.79 17.66 -23.61
CA TYR A 66 1.54 18.02 -24.28
C TYR A 66 1.67 18.11 -25.79
N SER A 67 2.81 17.74 -26.38
CA SER A 67 3.07 18.08 -27.76
C SER A 67 2.70 16.98 -28.76
N VAL A 68 2.16 15.85 -28.30
CA VAL A 68 1.95 14.69 -29.15
C VAL A 68 0.63 14.82 -29.89
N ASP A 69 0.67 14.56 -31.20
CA ASP A 69 -0.51 14.43 -32.04
C ASP A 69 -1.72 13.92 -31.27
N ASN A 70 -2.76 14.74 -31.18
CA ASN A 70 -3.96 14.34 -30.45
C ASN A 70 -4.72 13.22 -31.13
N GLU A 71 -4.49 12.95 -32.42
CA GLU A 71 -5.15 11.82 -33.06
C GLU A 71 -4.39 10.52 -32.84
N ASN A 72 -3.13 10.60 -32.42
CA ASN A 72 -2.28 9.42 -32.21
C ASN A 72 -1.38 9.70 -31.01
N PRO A 73 -1.97 9.80 -29.83
CA PRO A 73 -1.19 10.22 -28.66
C PRO A 73 -0.23 9.16 -28.16
N LEU A 74 -0.56 7.86 -28.32
CA LEU A 74 0.36 6.83 -27.88
C LEU A 74 1.65 6.82 -28.70
N SER A 75 1.56 7.07 -30.01
CA SER A 75 2.68 6.87 -30.92
C SER A 75 2.89 7.98 -31.95
N GLY A 76 2.03 8.98 -32.04
CA GLY A 76 2.12 9.96 -33.10
C GLY A 76 3.26 10.95 -32.89
N LYS A 77 3.29 11.93 -33.80
CA LYS A 77 4.36 12.91 -33.87
C LYS A 77 4.23 13.96 -32.77
N ALA A 78 5.37 14.41 -32.27
CA ALA A 78 5.46 15.49 -31.31
C ALA A 78 5.76 16.81 -32.02
N GLY A 79 5.00 17.84 -31.70
CA GLY A 79 5.16 19.14 -32.32
C GLY A 79 6.30 19.94 -31.73
N GLY A 80 6.08 20.58 -30.61
CA GLY A 80 7.13 21.42 -30.07
C GLY A 80 6.75 22.04 -28.75
N VAL A 81 7.63 22.91 -28.30
CA VAL A 81 7.46 23.71 -27.10
C VAL A 81 7.75 25.16 -27.46
N VAL A 82 6.88 26.06 -27.04
CA VAL A 82 7.11 27.50 -27.21
C VAL A 82 7.22 28.13 -25.85
N LYS A 83 7.94 29.25 -25.80
CA LYS A 83 8.10 30.06 -24.61
C LYS A 83 7.33 31.35 -24.80
N VAL A 84 6.45 31.67 -23.86
CA VAL A 84 5.58 32.84 -23.97
C VAL A 84 5.92 33.80 -22.84
N THR A 85 5.96 35.10 -23.16
CA THR A 85 6.40 36.15 -22.26
C THR A 85 5.43 37.31 -22.32
N TYR A 86 5.01 37.81 -21.12
CA TYR A 86 4.25 39.03 -20.99
C TYR A 86 5.20 40.21 -20.86
N PRO A 87 5.03 41.27 -21.63
CA PRO A 87 5.77 42.51 -21.35
C PRO A 87 5.31 43.14 -20.03
N GLY A 88 6.20 43.92 -19.44
CA GLY A 88 5.82 44.60 -18.20
C GLY A 88 5.73 43.67 -16.99
N LEU A 89 4.88 44.05 -16.03
CA LEU A 89 4.78 43.34 -14.76
C LEU A 89 3.54 42.44 -14.70
N THR A 90 3.72 41.22 -14.19
CA THR A 90 2.66 40.22 -14.11
C THR A 90 2.56 39.65 -12.71
N LYS A 91 1.35 39.57 -12.16
CA LYS A 91 1.12 38.96 -10.86
C LYS A 91 0.85 37.46 -11.02
N VAL A 92 1.65 36.63 -10.35
CA VAL A 92 1.40 35.19 -10.28
C VAL A 92 0.66 34.95 -8.99
N LEU A 93 -0.60 34.57 -9.09
CA LEU A 93 -1.46 34.34 -7.93
C LEU A 93 -1.59 32.84 -7.75
N ALA A 94 -0.87 32.32 -6.75
CA ALA A 94 -0.85 30.90 -6.43
C ALA A 94 -2.01 30.56 -5.52
N LEU A 95 -2.76 29.51 -5.88
CA LEU A 95 -3.98 29.12 -5.17
C LEU A 95 -3.79 27.80 -4.44
N LYS A 96 -4.42 27.68 -3.28
CA LYS A 96 -4.36 26.48 -2.45
C LYS A 96 -5.48 25.49 -2.73
N VAL A 97 -6.38 25.79 -3.67
CA VAL A 97 -7.42 24.85 -4.09
C VAL A 97 -7.70 25.09 -5.57
N ASP A 98 -8.24 24.08 -6.23
CA ASP A 98 -8.65 24.23 -7.62
C ASP A 98 -10.16 24.17 -7.78
N ASN A 99 -10.91 24.45 -6.70
CA ASN A 99 -12.37 24.44 -6.74
C ASN A 99 -12.87 25.85 -7.01
N ALA A 100 -13.44 26.07 -8.19
CA ALA A 100 -13.79 27.41 -8.61
C ALA A 100 -14.89 28.02 -7.74
N GLU A 101 -15.91 27.23 -7.36
CA GLU A 101 -16.94 27.78 -6.49
C GLU A 101 -16.32 28.30 -5.20
N THR A 102 -15.42 27.52 -4.60
CA THR A 102 -14.76 27.95 -3.38
C THR A 102 -13.98 29.24 -3.62
N ILE A 103 -13.18 29.28 -4.69
CA ILE A 103 -12.33 30.44 -4.94
C ILE A 103 -13.19 31.70 -5.07
N LYS A 104 -14.29 31.61 -5.81
CA LYS A 104 -15.12 32.79 -6.02
C LYS A 104 -15.82 33.22 -4.74
N LYS A 105 -16.21 32.28 -3.90
CA LYS A 105 -16.79 32.61 -2.61
C LYS A 105 -15.79 33.38 -1.75
N GLU A 106 -14.57 32.86 -1.61
CA GLU A 106 -13.62 33.49 -0.70
C GLU A 106 -13.00 34.76 -1.26
N LEU A 107 -12.98 34.93 -2.59
CA LEU A 107 -12.41 36.14 -3.19
C LEU A 107 -13.47 37.19 -3.49
N GLY A 108 -14.70 37.00 -3.05
CA GLY A 108 -15.73 38.01 -3.25
C GLY A 108 -16.03 38.30 -4.70
N LEU A 109 -16.21 37.25 -5.49
CA LEU A 109 -16.52 37.37 -6.90
C LEU A 109 -17.95 36.90 -7.14
N SER A 110 -18.47 37.22 -8.31
CA SER A 110 -19.77 36.67 -8.71
C SER A 110 -19.69 35.15 -8.80
N LEU A 111 -20.62 34.47 -8.13
CA LEU A 111 -20.68 33.02 -8.18
C LEU A 111 -21.30 32.48 -9.46
N THR A 112 -21.82 33.36 -10.31
CA THR A 112 -22.47 32.96 -11.54
C THR A 112 -21.57 33.06 -12.76
N GLU A 113 -20.59 33.97 -12.73
CA GLU A 113 -19.78 34.18 -13.92
C GLU A 113 -18.52 33.32 -13.89
N PRO A 114 -17.99 32.95 -15.04
CA PRO A 114 -16.81 32.07 -15.06
C PRO A 114 -15.63 32.67 -14.31
N LEU A 115 -14.95 31.83 -13.53
CA LEU A 115 -13.81 32.31 -12.75
C LEU A 115 -12.76 32.95 -13.64
N MET A 116 -12.29 32.26 -14.67
CA MET A 116 -11.20 32.82 -15.45
C MET A 116 -11.64 34.06 -16.24
N GLU A 117 -12.94 34.26 -16.46
CA GLU A 117 -13.37 35.51 -17.05
C GLU A 117 -13.18 36.65 -16.06
N GLN A 118 -13.58 36.43 -14.81
CA GLN A 118 -13.42 37.48 -13.80
C GLN A 118 -11.95 37.82 -13.60
N VAL A 119 -11.09 36.80 -13.63
CA VAL A 119 -9.65 37.05 -13.45
C VAL A 119 -9.12 38.02 -14.49
N GLY A 120 -9.73 38.07 -15.66
CA GLY A 120 -9.27 38.99 -16.69
C GLY A 120 -9.79 40.43 -16.59
N THR A 121 -10.71 40.72 -15.67
CA THR A 121 -11.29 42.05 -15.63
C THR A 121 -10.39 43.05 -14.91
N GLU A 122 -10.54 44.31 -15.26
CA GLU A 122 -9.72 45.31 -14.61
C GLU A 122 -9.98 45.42 -13.11
N GLU A 123 -11.17 45.03 -12.63
CA GLU A 123 -11.43 45.06 -11.18
C GLU A 123 -10.66 43.97 -10.45
N PHE A 124 -10.62 42.76 -11.01
CA PHE A 124 -9.84 41.70 -10.38
C PHE A 124 -8.37 42.08 -10.37
N ILE A 125 -7.87 42.63 -11.49
CA ILE A 125 -6.47 43.00 -11.60
C ILE A 125 -6.11 44.09 -10.60
N LYS A 126 -6.97 45.10 -10.45
CA LYS A 126 -6.73 46.12 -9.43
C LYS A 126 -6.61 45.48 -8.04
N ARG A 127 -7.55 44.60 -7.69
CA ARG A 127 -7.61 44.14 -6.31
C ARG A 127 -6.52 43.12 -5.98
N PHE A 128 -6.11 42.30 -6.95
CA PHE A 128 -5.18 41.19 -6.69
C PHE A 128 -3.87 41.29 -7.45
N GLY A 129 -3.66 42.35 -8.23
CA GLY A 129 -2.48 42.46 -9.06
C GLY A 129 -1.28 43.16 -8.45
N ASP A 130 -1.44 43.77 -7.29
CA ASP A 130 -0.33 44.47 -6.62
C ASP A 130 0.40 45.40 -7.59
N GLY A 131 -0.31 45.99 -8.55
CA GLY A 131 0.28 46.90 -9.50
C GLY A 131 0.65 46.28 -10.84
N ALA A 132 0.54 44.97 -10.99
CA ALA A 132 0.87 44.34 -12.26
C ALA A 132 -0.20 44.66 -13.31
N SER A 133 0.20 44.58 -14.58
CA SER A 133 -0.75 44.76 -15.69
C SER A 133 -1.79 43.66 -15.74
N ARG A 134 -1.52 42.48 -15.21
CA ARG A 134 -2.51 41.41 -15.26
C ARG A 134 -2.13 40.31 -14.28
N VAL A 135 -3.06 39.39 -14.10
CA VAL A 135 -2.93 38.31 -13.14
C VAL A 135 -2.95 37.01 -13.92
N VAL A 136 -2.06 36.13 -13.52
CA VAL A 136 -2.03 34.74 -13.97
C VAL A 136 -2.20 33.86 -12.74
N LEU A 137 -2.99 32.79 -12.88
CA LEU A 137 -3.21 31.89 -11.76
C LEU A 137 -2.19 30.74 -11.82
N SER A 138 -1.69 30.33 -10.65
CA SER A 138 -0.73 29.24 -10.55
C SER A 138 -1.28 28.16 -9.64
N LEU A 139 -1.12 26.92 -10.06
CA LEU A 139 -1.54 25.75 -9.32
C LEU A 139 -0.47 24.67 -9.46
N PRO A 140 -0.41 23.74 -8.50
CA PRO A 140 0.49 22.59 -8.65
C PRO A 140 0.24 21.88 -9.97
N PHE A 141 1.34 21.56 -10.67
CA PHE A 141 1.22 20.90 -11.97
C PHE A 141 0.59 19.52 -11.85
N ALA A 142 0.98 18.77 -10.82
CA ALA A 142 0.50 17.39 -10.70
C ALA A 142 1.02 16.78 -9.42
N GLU A 143 0.29 15.82 -8.94
CA GLU A 143 0.77 15.03 -7.82
C GLU A 143 2.08 14.35 -8.23
N GLY A 144 3.09 14.43 -7.37
CA GLY A 144 4.39 13.87 -7.67
C GLY A 144 5.32 14.78 -8.45
N SER A 145 4.93 16.01 -8.74
CA SER A 145 5.72 16.95 -9.50
C SER A 145 5.95 18.20 -8.67
N SER A 146 7.12 18.83 -8.86
CA SER A 146 7.39 20.14 -8.29
C SER A 146 7.14 21.28 -9.26
N SER A 147 6.61 21.00 -10.45
CA SER A 147 6.29 22.06 -11.41
C SER A 147 4.99 22.74 -11.04
N VAL A 148 4.68 23.84 -11.74
CA VAL A 148 3.39 24.50 -11.61
C VAL A 148 2.74 24.65 -12.99
N LYS A 149 1.42 24.79 -12.98
CA LYS A 149 0.67 25.12 -14.18
C LYS A 149 0.18 26.54 -14.04
N TYR A 150 0.16 27.24 -15.15
CA TYR A 150 -0.23 28.64 -15.19
C TYR A 150 -1.49 28.73 -16.01
N ILE A 151 -2.50 29.42 -15.48
CA ILE A 151 -3.76 29.64 -16.19
C ILE A 151 -3.88 31.12 -16.54
N ASN A 152 -3.92 31.40 -17.85
CA ASN A 152 -3.99 32.75 -18.41
C ASN A 152 -5.39 33.05 -18.93
N ASN A 153 -5.92 34.22 -18.61
CA ASN A 153 -7.17 34.68 -19.24
C ASN A 153 -6.93 34.90 -20.73
N TRP A 154 -7.84 34.39 -21.58
CA TRP A 154 -7.59 34.36 -23.02
C TRP A 154 -7.32 35.74 -23.61
N GLU A 155 -8.00 36.77 -23.13
CA GLU A 155 -7.80 38.08 -23.75
C GLU A 155 -6.46 38.67 -23.32
N GLN A 156 -6.14 38.59 -22.03
CA GLN A 156 -4.84 39.06 -21.58
C GLN A 156 -3.71 38.35 -22.32
N ALA A 157 -3.91 37.07 -22.68
CA ALA A 157 -2.89 36.27 -23.33
C ALA A 157 -2.57 36.75 -24.73
N LYS A 158 -3.42 37.62 -25.29
CA LYS A 158 -3.08 38.31 -26.52
C LYS A 158 -1.83 39.16 -26.37
N ALA A 159 -1.48 39.58 -25.16
CA ALA A 159 -0.28 40.38 -24.99
C ALA A 159 1.01 39.55 -24.96
N LEU A 160 0.94 38.21 -25.01
CA LEU A 160 2.15 37.40 -24.96
C LEU A 160 2.93 37.46 -26.25
N SER A 161 4.24 37.66 -26.14
CA SER A 161 5.14 37.30 -27.24
C SER A 161 5.45 35.80 -27.16
N VAL A 162 5.57 35.16 -28.32
CA VAL A 162 5.71 33.70 -28.41
C VAL A 162 6.99 33.40 -29.17
N GLU A 163 7.90 32.66 -28.53
CA GLU A 163 9.20 32.34 -29.11
C GLU A 163 9.42 30.84 -29.09
N LEU A 164 10.15 30.35 -30.09
CA LEU A 164 10.35 28.92 -30.22
C LEU A 164 11.39 28.44 -29.20
N GLU A 165 11.10 27.30 -28.58
CA GLU A 165 12.06 26.63 -27.71
C GLU A 165 12.66 25.41 -28.37
N ILE A 166 11.82 24.59 -29.00
CA ILE A 166 12.31 23.45 -29.74
C ILE A 166 11.16 22.96 -30.61
N ASN A 167 11.51 22.51 -31.82
CA ASN A 167 10.58 21.91 -32.75
C ASN A 167 11.04 20.48 -32.94
N PHE A 168 10.25 19.52 -32.47
CA PHE A 168 10.67 18.13 -32.55
C PHE A 168 10.61 17.63 -33.98
N GLU A 169 9.67 18.14 -34.78
CA GLU A 169 9.63 17.75 -36.19
C GLU A 169 10.91 18.12 -36.90
N THR A 170 11.33 19.38 -36.80
CA THR A 170 12.58 19.87 -37.37
C THR A 170 13.74 18.91 -37.18
N ARG A 171 13.77 18.23 -36.03
CA ARG A 171 14.87 17.31 -35.74
C ARG A 171 14.98 16.21 -36.79
N GLY A 172 13.84 15.79 -37.33
CA GLY A 172 13.81 14.78 -38.37
C GLY A 172 14.13 13.38 -37.92
N LYS A 173 13.69 12.98 -36.71
CA LYS A 173 14.03 11.66 -36.19
C LYS A 173 12.81 10.74 -36.22
N ARG A 174 13.04 9.46 -35.91
CA ARG A 174 11.98 8.49 -36.01
C ARG A 174 11.15 8.45 -34.73
N GLY A 175 9.87 8.13 -34.88
CA GLY A 175 8.99 7.95 -33.74
C GLY A 175 8.92 9.20 -32.90
N GLN A 176 8.98 9.02 -31.58
CA GLN A 176 9.00 10.15 -30.67
C GLN A 176 10.40 10.37 -30.07
N ASP A 177 11.44 9.91 -30.76
CA ASP A 177 12.80 10.00 -30.20
C ASP A 177 13.15 11.43 -29.83
N ALA A 178 12.84 12.38 -30.69
CA ALA A 178 13.25 13.76 -30.40
C ALA A 178 12.64 14.24 -29.08
N MET A 179 11.37 13.93 -28.84
CA MET A 179 10.70 14.37 -27.61
C MET A 179 11.36 13.75 -26.37
N TYR A 180 11.52 12.42 -26.36
CA TYR A 180 12.09 11.76 -25.21
C TYR A 180 13.55 12.12 -25.01
N GLU A 181 14.30 12.31 -26.09
CA GLU A 181 15.68 12.75 -25.92
C GLU A 181 15.75 14.14 -25.30
N TYR A 182 14.86 15.03 -25.71
CA TYR A 182 14.70 16.33 -25.05
C TYR A 182 14.40 16.17 -23.57
N MET A 183 13.38 15.37 -23.26
CA MET A 183 12.99 15.21 -21.86
C MET A 183 14.13 14.63 -21.02
N ALA A 184 14.98 13.79 -21.60
CA ALA A 184 16.06 13.21 -20.81
C ALA A 184 17.16 14.21 -20.48
N GLN A 185 17.13 15.39 -21.08
CA GLN A 185 18.02 16.46 -20.66
C GLN A 185 17.79 16.84 -19.22
N ALA A 186 16.54 16.74 -18.76
CA ALA A 186 16.20 17.17 -17.40
C ALA A 186 17.21 16.65 -16.37
N CYS A 187 17.68 15.43 -16.57
CA CYS A 187 18.58 14.80 -15.58
C CYS A 187 20.01 14.73 -16.15
N ALA A 188 20.33 15.59 -17.11
CA ALA A 188 21.68 15.64 -17.74
C ALA A 188 21.93 14.33 -18.50
N SER A 201 22.14 7.44 -12.96
CA SER A 201 20.86 7.94 -12.49
C SER A 201 20.08 8.66 -13.59
N CYS A 202 20.65 8.68 -14.80
CA CYS A 202 20.00 9.26 -15.97
C CYS A 202 20.18 8.29 -17.12
N ILE A 203 19.10 7.74 -17.61
CA ILE A 203 19.13 6.98 -18.86
C ILE A 203 19.05 7.99 -20.01
N ASN A 204 20.15 8.13 -20.75
CA ASN A 204 20.25 9.08 -21.86
C ASN A 204 20.80 8.31 -23.05
N LEU A 205 19.93 7.56 -23.71
CA LEU A 205 20.33 6.64 -24.76
C LEU A 205 20.15 7.31 -26.12
N ASP A 206 21.03 6.96 -27.05
CA ASP A 206 20.92 7.40 -28.45
C ASP A 206 20.07 6.37 -29.19
N TRP A 207 18.80 6.71 -29.43
CA TRP A 207 17.87 5.75 -30.03
C TRP A 207 18.14 5.53 -31.53
N ASP A 208 18.78 6.49 -32.20
CA ASP A 208 19.27 6.23 -33.56
C ASP A 208 20.24 5.05 -33.60
N VAL A 209 21.24 5.06 -32.72
CA VAL A 209 22.13 3.91 -32.60
C VAL A 209 21.35 2.64 -32.28
N ILE A 210 20.36 2.71 -31.38
CA ILE A 210 19.65 1.49 -30.99
C ILE A 210 18.76 0.99 -32.12
N ARG A 211 18.18 1.89 -32.91
CA ARG A 211 17.42 1.42 -34.07
C ARG A 211 18.35 0.74 -35.09
N ASP A 212 19.49 1.37 -35.40
CA ASP A 212 20.38 0.81 -36.42
C ASP A 212 20.99 -0.52 -35.97
N LYS A 213 21.45 -0.58 -34.71
CA LYS A 213 22.02 -1.82 -34.20
C LYS A 213 20.98 -2.91 -34.09
N THR A 214 19.72 -2.55 -33.86
CA THR A 214 18.69 -3.58 -33.74
C THR A 214 18.43 -4.21 -35.10
N LYS A 215 18.18 -3.37 -36.11
CA LYS A 215 18.08 -3.84 -37.48
C LYS A 215 19.25 -4.75 -37.83
N THR A 216 20.47 -4.28 -37.60
CA THR A 216 21.66 -5.06 -37.97
C THR A 216 21.64 -6.44 -37.32
N LYS A 217 21.32 -6.49 -36.01
CA LYS A 217 21.44 -7.76 -35.29
C LYS A 217 20.34 -8.74 -35.69
N ILE A 218 19.16 -8.23 -36.04
CA ILE A 218 18.10 -9.10 -36.51
C ILE A 218 18.52 -9.79 -37.81
N GLU A 219 18.94 -8.99 -38.79
CA GLU A 219 19.34 -9.56 -40.09
C GLU A 219 20.44 -10.60 -39.93
N SER A 220 21.44 -10.34 -39.07
CA SER A 220 22.55 -11.28 -38.96
C SER A 220 22.27 -12.46 -38.04
N LEU A 221 21.33 -12.33 -37.10
CA LEU A 221 20.99 -13.49 -36.27
C LEU A 221 20.23 -14.53 -37.09
N LYS A 222 19.39 -14.06 -38.02
CA LYS A 222 18.61 -14.96 -38.88
C LYS A 222 19.48 -15.76 -39.84
N GLU A 223 20.78 -15.47 -39.92
CA GLU A 223 21.69 -16.23 -40.78
C GLU A 223 22.74 -16.96 -39.96
N GLN A 224 22.54 -17.11 -38.66
CA GLN A 224 23.43 -17.92 -37.85
C GLN A 224 23.01 -19.39 -37.93
N GLY A 225 23.99 -20.25 -38.11
CA GLY A 225 23.74 -21.66 -38.35
C GLY A 225 22.73 -22.22 -37.39
N PRO A 226 23.10 -22.27 -36.12
CA PRO A 226 22.19 -22.84 -35.10
C PRO A 226 20.80 -22.21 -35.15
N ILE A 227 20.70 -20.91 -35.44
CA ILE A 227 19.39 -20.29 -35.53
C ILE A 227 18.66 -20.78 -36.77
N LYS A 228 19.34 -20.77 -37.92
CA LYS A 228 18.77 -21.37 -39.13
C LYS A 228 18.36 -22.80 -38.84
N ASN A 229 19.23 -23.56 -38.16
CA ASN A 229 18.89 -24.92 -37.77
C ASN A 229 17.64 -24.95 -36.91
N LYS A 230 17.68 -24.24 -35.78
CA LYS A 230 16.55 -24.26 -34.87
C LYS A 230 15.27 -23.80 -35.55
N MET A 231 15.39 -22.91 -36.54
CA MET A 231 14.21 -22.43 -37.24
C MET A 231 13.55 -23.56 -38.00
N SER A 232 14.33 -24.33 -38.76
CA SER A 232 13.75 -25.41 -39.57
C SER A 232 13.02 -26.43 -38.71
N GLU A 233 13.40 -26.55 -37.44
CA GLU A 233 12.81 -27.49 -36.49
C GLU A 233 11.51 -26.98 -35.87
N SER A 234 10.91 -25.89 -36.39
CA SER A 234 9.67 -25.39 -35.79
C SER A 234 8.47 -26.12 -36.36
N PRO A 235 7.53 -26.59 -35.52
CA PRO A 235 6.22 -26.98 -36.03
C PRO A 235 5.68 -26.08 -37.13
N ASN A 236 5.90 -24.77 -37.02
CA ASN A 236 5.56 -23.83 -38.08
C ASN A 236 4.04 -23.76 -38.32
N LYS A 237 3.26 -24.56 -37.61
CA LYS A 237 1.81 -24.53 -37.64
C LYS A 237 1.29 -24.30 -36.23
N THR A 238 0.01 -24.00 -36.12
CA THR A 238 -0.59 -23.73 -34.82
C THR A 238 -0.42 -24.92 -33.89
N VAL A 239 0.02 -24.65 -32.66
CA VAL A 239 0.17 -25.70 -31.66
C VAL A 239 -0.49 -25.23 -30.37
N SER A 240 -0.09 -25.81 -29.25
CA SER A 240 -0.58 -25.43 -27.95
C SER A 240 0.38 -24.44 -27.29
N GLU A 241 -0.18 -23.59 -26.43
CA GLU A 241 0.63 -22.65 -25.66
C GLU A 241 1.80 -23.33 -24.98
N GLU A 242 1.65 -24.63 -24.67
CA GLU A 242 2.69 -25.36 -23.94
C GLU A 242 3.86 -25.74 -24.86
N LYS A 243 3.55 -26.29 -26.04
CA LYS A 243 4.61 -26.61 -26.98
C LYS A 243 5.18 -25.34 -27.59
N ALA A 244 4.32 -24.36 -27.87
CA ALA A 244 4.79 -23.04 -28.27
C ALA A 244 5.83 -22.52 -27.28
N LYS A 245 5.45 -22.43 -26.00
CA LYS A 245 6.40 -21.95 -24.99
C LYS A 245 7.61 -22.86 -24.91
N GLN A 246 7.41 -24.18 -25.01
CA GLN A 246 8.53 -25.10 -24.93
C GLN A 246 9.48 -24.89 -26.10
N TYR A 247 8.94 -24.70 -27.30
CA TYR A 247 9.80 -24.50 -28.45
C TYR A 247 10.49 -23.15 -28.40
N LEU A 248 9.78 -22.11 -27.93
CA LEU A 248 10.37 -20.78 -27.91
C LEU A 248 11.44 -20.66 -26.84
N GLU A 249 11.31 -21.39 -25.73
CA GLU A 249 12.40 -21.42 -24.76
C GLU A 249 13.62 -22.13 -25.31
N GLU A 250 13.41 -23.16 -26.14
CA GLU A 250 14.54 -23.76 -26.85
C GLU A 250 15.16 -22.76 -27.82
N PHE A 251 14.31 -22.07 -28.59
CA PHE A 251 14.81 -21.07 -29.53
C PHE A 251 15.57 -19.96 -28.81
N HIS A 252 15.11 -19.59 -27.61
CA HIS A 252 15.76 -18.53 -26.84
C HIS A 252 17.20 -18.91 -26.49
N GLN A 253 17.42 -20.15 -26.03
CA GLN A 253 18.76 -20.57 -25.64
C GLN A 253 19.72 -20.55 -26.82
N THR A 254 19.32 -21.16 -27.94
CA THR A 254 20.22 -21.19 -29.08
C THR A 254 20.51 -19.79 -29.58
N ALA A 255 19.47 -18.96 -29.70
CA ALA A 255 19.67 -17.55 -30.05
C ALA A 255 20.66 -16.90 -29.09
N LEU A 256 20.41 -17.03 -27.79
CA LEU A 256 21.24 -16.36 -26.80
C LEU A 256 22.67 -16.89 -26.84
N GLU A 257 22.91 -18.02 -27.51
CA GLU A 257 24.24 -18.58 -27.66
C GLU A 257 25.05 -17.94 -28.77
N GLN A 258 24.40 -17.24 -29.70
CA GLN A 258 25.12 -16.58 -30.77
C GLN A 258 25.83 -15.33 -30.25
N PRO A 259 26.84 -14.86 -30.98
CA PRO A 259 27.67 -13.76 -30.45
C PRO A 259 27.09 -12.38 -30.66
N GLU A 260 26.04 -12.26 -31.46
CA GLU A 260 25.33 -11.00 -31.56
C GLU A 260 24.67 -10.66 -30.22
N LEU A 261 24.48 -11.66 -29.37
CA LEU A 261 23.82 -11.53 -28.07
C LEU A 261 24.77 -11.83 -26.91
N SER A 262 26.09 -11.73 -27.15
CA SER A 262 27.07 -12.10 -26.13
C SER A 262 26.81 -11.35 -24.82
N GLU A 263 26.74 -10.03 -24.88
CA GLU A 263 26.57 -9.25 -23.64
C GLU A 263 25.23 -9.55 -22.98
N LEU A 264 24.16 -9.64 -23.76
CA LEU A 264 22.86 -9.97 -23.20
C LEU A 264 22.92 -11.28 -22.43
N LYS A 265 23.53 -12.31 -23.01
CA LYS A 265 23.63 -13.60 -22.33
C LYS A 265 24.22 -13.42 -20.96
N THR A 266 25.24 -12.56 -20.86
CA THR A 266 25.90 -12.36 -19.58
C THR A 266 25.02 -11.58 -18.60
N VAL A 267 24.29 -10.58 -19.08
CA VAL A 267 23.58 -9.74 -18.10
C VAL A 267 22.23 -10.34 -17.72
N THR A 268 21.71 -11.30 -18.48
CA THR A 268 20.42 -11.89 -18.18
C THR A 268 20.54 -13.27 -17.53
N GLY A 269 21.70 -13.62 -17.03
CA GLY A 269 21.95 -15.01 -16.67
C GLY A 269 21.51 -15.38 -15.28
N THR A 270 21.59 -14.44 -14.34
CA THR A 270 21.25 -14.73 -12.96
C THR A 270 19.81 -14.33 -12.62
N ASN A 271 19.36 -13.13 -13.03
CA ASN A 271 18.07 -12.60 -12.56
C ASN A 271 16.90 -13.36 -13.18
N PRO A 272 16.00 -13.94 -12.38
CA PRO A 272 14.93 -14.76 -12.96
C PRO A 272 13.88 -13.97 -13.70
N VAL A 273 13.85 -12.64 -13.57
CA VAL A 273 12.90 -11.90 -14.39
C VAL A 273 13.32 -11.96 -15.85
N PHE A 274 14.63 -12.03 -16.12
CA PHE A 274 15.14 -12.02 -17.48
C PHE A 274 15.28 -13.43 -18.08
N ALA A 275 14.61 -14.44 -17.53
CA ALA A 275 14.80 -15.80 -18.00
C ALA A 275 14.14 -16.02 -19.36
N GLY A 276 14.61 -17.05 -20.06
CA GLY A 276 14.05 -17.38 -21.36
C GLY A 276 12.57 -17.67 -21.31
N ALA A 277 12.11 -18.32 -20.25
CA ALA A 277 10.67 -18.59 -20.12
C ALA A 277 9.87 -17.30 -20.11
N ASN A 278 10.45 -16.20 -19.64
CA ASN A 278 9.74 -14.91 -19.62
C ASN A 278 9.78 -14.23 -20.98
N TYR A 279 10.90 -14.32 -21.68
CA TYR A 279 10.90 -13.92 -23.08
C TYR A 279 9.85 -14.72 -23.85
N ALA A 280 9.79 -16.04 -23.61
CA ALA A 280 8.88 -16.91 -24.35
C ALA A 280 7.43 -16.59 -24.03
N ALA A 281 7.12 -16.40 -22.75
CA ALA A 281 5.78 -15.98 -22.38
C ALA A 281 5.42 -14.66 -23.03
N TRP A 282 6.35 -13.71 -23.05
CA TRP A 282 6.08 -12.44 -23.71
C TRP A 282 5.79 -12.65 -25.20
N ALA A 283 6.60 -13.47 -25.87
CA ALA A 283 6.38 -13.69 -27.30
C ALA A 283 4.99 -14.26 -27.56
N VAL A 284 4.58 -15.25 -26.74
CA VAL A 284 3.28 -15.88 -26.94
C VAL A 284 2.16 -14.87 -26.74
N ASN A 285 2.24 -14.05 -25.69
CA ASN A 285 1.18 -13.08 -25.43
C ASN A 285 1.07 -12.07 -26.59
N VAL A 286 2.19 -11.69 -27.21
CA VAL A 286 2.14 -10.75 -28.33
C VAL A 286 1.38 -11.36 -29.51
N ALA A 287 1.66 -12.62 -29.84
CA ALA A 287 1.01 -13.25 -30.98
C ALA A 287 -0.50 -13.28 -30.83
N GLN A 288 -0.99 -13.43 -29.61
CA GLN A 288 -2.43 -13.70 -29.44
C GLN A 288 -3.26 -12.43 -29.67
N VAL A 289 -2.74 -11.27 -29.26
CA VAL A 289 -3.52 -10.04 -29.25
C VAL A 289 -3.33 -9.20 -30.51
N ILE A 290 -2.47 -9.62 -31.42
CA ILE A 290 -2.19 -8.85 -32.61
C ILE A 290 -2.80 -9.56 -33.81
N ASP A 291 -3.88 -9.01 -34.32
CA ASP A 291 -4.47 -9.48 -35.57
C ASP A 291 -3.91 -8.62 -36.70
N SER A 292 -4.50 -8.73 -37.90
CA SER A 292 -3.96 -8.06 -39.08
C SER A 292 -4.24 -6.56 -39.06
N GLU A 293 -5.48 -6.16 -38.73
CA GLU A 293 -5.78 -4.74 -38.59
C GLU A 293 -4.81 -4.10 -37.60
N THR A 294 -4.61 -4.75 -36.44
CA THR A 294 -3.76 -4.21 -35.41
C THR A 294 -2.33 -4.02 -35.88
N ALA A 295 -1.77 -5.03 -36.56
CA ALA A 295 -0.36 -4.96 -36.96
C ALA A 295 -0.11 -3.86 -37.99
N ASP A 296 -1.11 -3.49 -38.78
CA ASP A 296 -0.93 -2.45 -39.79
C ASP A 296 -1.53 -1.13 -39.33
N ASN A 297 -1.21 -0.78 -38.08
CA ASN A 297 -1.44 0.56 -37.55
C ASN A 297 -0.62 0.66 -36.29
N LEU A 298 0.34 1.57 -36.26
CA LEU A 298 1.27 1.64 -35.14
C LEU A 298 0.55 2.03 -33.86
N GLU A 299 -0.36 3.00 -33.93
CA GLU A 299 -1.14 3.38 -32.75
C GLU A 299 -1.84 2.16 -32.19
N LYS A 300 -2.55 1.42 -33.04
CA LYS A 300 -3.30 0.25 -32.59
C LYS A 300 -2.38 -0.82 -32.03
N THR A 301 -1.17 -0.92 -32.57
CA THR A 301 -0.25 -1.92 -32.04
C THR A 301 0.26 -1.53 -30.66
N THR A 302 0.56 -0.25 -30.45
CA THR A 302 1.01 0.21 -29.14
C THR A 302 -0.10 0.08 -28.09
N ALA A 303 -1.32 0.46 -28.45
CA ALA A 303 -2.44 0.23 -27.54
C ALA A 303 -2.49 -1.22 -27.08
N ALA A 304 -2.20 -2.16 -27.97
CA ALA A 304 -2.34 -3.57 -27.63
C ALA A 304 -1.14 -4.10 -26.84
N LEU A 305 0.07 -3.73 -27.24
CA LEU A 305 1.22 -4.13 -26.45
C LEU A 305 1.22 -3.46 -25.08
N SER A 306 0.79 -2.20 -25.02
CA SER A 306 0.92 -1.43 -23.79
C SER A 306 0.13 -1.98 -22.61
N ILE A 307 -0.80 -2.92 -22.82
CA ILE A 307 -1.58 -3.45 -21.71
C ILE A 307 -1.22 -4.90 -21.40
N LEU A 308 -0.12 -5.41 -21.99
CA LEU A 308 0.33 -6.74 -21.63
C LEU A 308 1.23 -6.72 -20.40
N PRO A 309 1.24 -7.80 -19.63
CA PRO A 309 2.21 -7.94 -18.55
C PRO A 309 3.53 -8.48 -19.07
N GLY A 310 4.56 -8.32 -18.25
CA GLY A 310 5.83 -8.98 -18.49
C GLY A 310 6.84 -8.23 -19.34
N ILE A 311 6.57 -6.97 -19.70
CA ILE A 311 7.50 -6.23 -20.56
C ILE A 311 8.81 -5.91 -19.87
N GLY A 312 8.90 -6.05 -18.55
CA GLY A 312 10.15 -5.76 -17.87
C GLY A 312 11.22 -6.80 -18.11
N SER A 313 10.83 -7.99 -18.55
CA SER A 313 11.79 -9.02 -18.94
C SER A 313 12.56 -8.59 -20.18
N VAL A 314 11.86 -7.99 -21.14
CA VAL A 314 12.47 -7.49 -22.36
C VAL A 314 13.20 -6.18 -22.12
N MET A 315 12.64 -5.30 -21.30
CA MET A 315 13.28 -4.02 -20.97
C MET A 315 14.46 -4.18 -20.03
N GLY A 316 14.62 -5.33 -19.40
CA GLY A 316 15.66 -5.43 -18.40
C GLY A 316 15.43 -4.58 -17.16
N ILE A 317 14.17 -4.37 -16.78
CA ILE A 317 13.84 -3.56 -15.61
C ILE A 317 13.32 -4.46 -14.50
N ALA A 318 13.98 -4.40 -13.33
CA ALA A 318 13.52 -5.12 -12.16
C ALA A 318 14.18 -4.60 -10.89
N ASP A 319 13.46 -4.74 -9.78
CA ASP A 319 13.94 -4.36 -8.45
C ASP A 319 14.27 -2.86 -8.34
N GLY A 320 13.52 -2.03 -9.05
CA GLY A 320 13.70 -0.58 -8.94
C GLY A 320 14.79 -0.01 -9.82
N ALA A 321 15.38 -0.81 -10.71
CA ALA A 321 16.48 -0.37 -11.58
C ALA A 321 16.27 -0.77 -13.04
N VAL A 322 16.74 0.09 -13.92
CA VAL A 322 16.84 -0.22 -15.35
C VAL A 322 18.22 -0.87 -15.53
N HIS A 323 18.25 -2.20 -15.67
CA HIS A 323 19.51 -2.94 -15.84
C HIS A 323 20.06 -2.80 -17.26
N HIS A 324 19.24 -3.07 -18.27
CA HIS A 324 19.65 -2.87 -19.66
C HIS A 324 19.70 -1.40 -19.98
N ASN A 325 20.84 -0.76 -19.73
CA ASN A 325 20.92 0.69 -19.89
C ASN A 325 22.08 1.11 -20.80
N THR A 326 22.42 0.29 -21.81
CA THR A 326 23.32 0.70 -22.87
C THR A 326 22.65 0.43 -24.21
N GLU A 327 23.01 1.25 -25.20
CA GLU A 327 22.48 1.05 -26.54
C GLU A 327 22.68 -0.39 -27.02
N GLU A 328 23.87 -0.95 -26.80
CA GLU A 328 24.13 -2.30 -27.29
C GLU A 328 23.20 -3.31 -26.63
N ILE A 329 23.16 -3.33 -25.29
CA ILE A 329 22.31 -4.31 -24.62
C ILE A 329 20.84 -4.07 -24.91
N VAL A 330 20.43 -2.83 -25.09
CA VAL A 330 19.01 -2.65 -25.34
C VAL A 330 18.65 -3.16 -26.72
N ALA A 331 19.52 -2.91 -27.70
CA ALA A 331 19.28 -3.45 -29.04
C ALA A 331 19.32 -4.96 -29.06
N GLN A 332 20.24 -5.57 -28.32
CA GLN A 332 20.26 -7.03 -28.27
C GLN A 332 18.92 -7.54 -27.75
N SER A 333 18.44 -6.97 -26.64
CA SER A 333 17.20 -7.46 -26.06
C SER A 333 16.05 -7.27 -27.03
N ILE A 334 15.94 -6.10 -27.64
CA ILE A 334 14.89 -5.89 -28.64
C ILE A 334 15.09 -6.79 -29.86
N ALA A 335 16.33 -6.96 -30.30
CA ALA A 335 16.57 -7.91 -31.39
C ALA A 335 16.05 -9.30 -31.00
N LEU A 336 16.40 -9.77 -29.80
CA LEU A 336 16.00 -11.11 -29.39
C LEU A 336 14.48 -11.23 -29.38
N SER A 337 13.83 -10.34 -28.65
CA SER A 337 12.38 -10.34 -28.61
C SER A 337 11.78 -10.39 -30.01
N SER A 338 12.27 -9.53 -30.90
CA SER A 338 11.68 -9.44 -32.23
C SER A 338 11.67 -10.79 -32.93
N LEU A 339 12.77 -11.54 -32.85
CA LEU A 339 12.78 -12.86 -33.48
C LEU A 339 11.81 -13.80 -32.79
N MET A 340 11.84 -13.84 -31.45
CA MET A 340 10.94 -14.76 -30.76
C MET A 340 9.49 -14.48 -31.12
N VAL A 341 9.14 -13.21 -31.34
CA VAL A 341 7.78 -12.93 -31.78
C VAL A 341 7.54 -13.53 -33.16
N ALA A 342 8.52 -13.40 -34.05
CA ALA A 342 8.39 -13.94 -35.39
C ALA A 342 8.10 -15.43 -35.35
N GLN A 343 8.78 -16.16 -34.45
CA GLN A 343 8.61 -17.61 -34.38
C GLN A 343 7.32 -18.02 -33.66
N ALA A 344 6.80 -17.18 -32.79
CA ALA A 344 5.58 -17.52 -32.08
C ALA A 344 4.33 -17.29 -32.92
N ILE A 345 4.41 -16.41 -33.92
CA ILE A 345 3.22 -16.07 -34.69
C ILE A 345 2.64 -17.27 -35.42
N PRO A 346 3.44 -18.15 -36.05
CA PRO A 346 2.85 -19.35 -36.64
C PRO A 346 2.16 -20.24 -35.61
N LEU A 347 2.77 -20.34 -34.42
CA LEU A 347 2.29 -21.27 -33.40
C LEU A 347 1.01 -20.82 -32.74
N VAL A 348 0.69 -19.52 -32.78
CA VAL A 348 -0.39 -18.96 -31.96
C VAL A 348 -0.95 -17.68 -32.56
N GLY A 349 -0.62 -17.38 -33.82
CA GLY A 349 -0.95 -16.09 -34.41
C GLY A 349 -2.41 -15.86 -34.78
N GLU A 350 -2.66 -14.87 -35.63
CA GLU A 350 -4.01 -14.55 -36.07
C GLU A 350 -4.02 -13.48 -37.16
N ILE A 354 3.53 -11.09 -41.69
CA ILE A 354 4.55 -11.64 -40.81
C ILE A 354 5.70 -10.65 -40.56
N GLY A 355 5.88 -9.69 -41.46
CA GLY A 355 6.87 -8.66 -41.24
C GLY A 355 6.58 -7.76 -40.05
N PHE A 356 5.42 -7.93 -39.41
CA PHE A 356 5.15 -7.20 -38.17
C PHE A 356 6.28 -7.36 -37.15
N ALA A 357 6.78 -8.58 -36.97
CA ALA A 357 7.80 -8.84 -35.96
C ALA A 357 8.98 -7.87 -36.06
N ALA A 358 9.28 -7.37 -37.26
CA ALA A 358 10.45 -6.53 -37.48
C ALA A 358 10.08 -5.11 -37.89
N TYR A 359 8.78 -4.82 -38.07
CA TYR A 359 8.36 -3.49 -38.46
C TYR A 359 7.68 -2.86 -37.24
N ASN A 360 6.35 -2.87 -37.17
CA ASN A 360 5.64 -2.11 -36.14
C ASN A 360 5.91 -2.64 -34.74
N PHE A 361 6.12 -3.94 -34.57
CA PHE A 361 6.46 -4.45 -33.24
C PHE A 361 7.70 -3.76 -32.70
N VAL A 362 8.70 -3.52 -33.55
CA VAL A 362 9.90 -2.87 -33.07
C VAL A 362 9.64 -1.41 -32.80
N GLU A 363 8.88 -0.74 -33.67
CA GLU A 363 8.59 0.66 -33.45
C GLU A 363 7.80 0.84 -32.16
N SER A 364 6.81 -0.02 -31.93
CA SER A 364 5.92 0.13 -30.79
C SER A 364 6.66 -0.13 -29.48
N ILE A 365 7.39 -1.25 -29.41
CA ILE A 365 8.07 -1.57 -28.16
C ILE A 365 9.15 -0.53 -27.86
N ILE A 366 9.70 0.12 -28.89
CA ILE A 366 10.69 1.15 -28.66
C ILE A 366 10.05 2.31 -27.89
N ASN A 367 8.84 2.68 -28.27
CA ASN A 367 8.14 3.78 -27.59
C ASN A 367 7.83 3.39 -26.14
N LEU A 368 7.48 2.12 -25.93
CA LEU A 368 7.22 1.66 -24.57
C LEU A 368 8.48 1.72 -23.71
N PHE A 369 9.62 1.26 -24.24
CA PHE A 369 10.90 1.51 -23.58
C PHE A 369 11.03 2.98 -23.17
N GLN A 370 10.77 3.89 -24.12
CA GLN A 370 11.00 5.30 -23.87
C GLN A 370 10.09 5.80 -22.74
N VAL A 371 8.85 5.35 -22.71
CA VAL A 371 7.94 5.75 -21.63
C VAL A 371 8.53 5.38 -20.29
N VAL A 372 8.92 4.12 -20.14
CA VAL A 372 9.32 3.60 -18.84
C VAL A 372 10.65 4.19 -18.39
N HIS A 373 11.58 4.38 -19.33
CA HIS A 373 12.85 5.01 -18.96
C HIS A 373 12.61 6.41 -18.42
N ASN A 374 11.75 7.16 -19.10
CA ASN A 374 11.45 8.52 -18.66
C ASN A 374 10.88 8.49 -17.24
N SER A 375 10.01 7.53 -16.94
CA SER A 375 9.46 7.39 -15.57
C SER A 375 10.58 7.25 -14.58
N TYR A 376 11.58 6.41 -14.90
CA TYR A 376 12.66 6.18 -13.94
C TYR A 376 13.67 7.32 -13.92
N ASN A 377 13.68 8.18 -14.96
CA ASN A 377 14.51 9.38 -14.95
C ASN A 377 13.93 10.47 -14.03
N ARG A 378 12.62 10.45 -13.79
CA ARG A 378 12.01 11.53 -13.01
C ARG A 378 12.20 11.32 -11.51
N PRO A 379 12.54 12.37 -10.78
CA PRO A 379 12.62 12.26 -9.31
C PRO A 379 11.34 11.64 -8.75
N ALA A 380 11.52 10.72 -7.80
CA ALA A 380 10.42 9.92 -7.28
C ALA A 380 10.87 9.25 -5.99
N TYR A 381 9.99 9.21 -5.00
CA TYR A 381 10.31 8.47 -3.77
C TYR A 381 10.28 6.97 -4.02
N SER A 382 11.29 6.28 -3.51
CA SER A 382 11.42 4.85 -3.64
C SER A 382 10.58 4.15 -2.58
N PRO A 383 10.35 2.85 -2.72
CA PRO A 383 9.49 2.15 -1.75
C PRO A 383 9.99 2.36 -0.33
N GLY A 384 9.04 2.62 0.57
CA GLY A 384 9.33 2.83 1.98
C GLY A 384 9.83 4.21 2.33
N HIS A 385 9.89 5.11 1.37
CA HIS A 385 10.21 6.50 1.61
C HIS A 385 8.91 7.32 1.61
N LYS A 386 8.82 8.26 2.51
CA LYS A 386 7.63 9.11 2.63
C LYS A 386 6.43 8.18 2.69
N THR A 387 5.37 8.40 1.92
CA THR A 387 4.20 7.54 2.03
C THR A 387 4.15 6.51 0.90
N GLN A 388 5.32 6.19 0.25
CA GLN A 388 5.29 5.17 -0.78
C GLN A 388 5.42 3.77 -0.16
N PRO A 389 4.51 2.85 -0.48
CA PRO A 389 4.55 1.56 0.22
C PRO A 389 5.78 0.75 -0.16
N PHE A 390 6.24 -0.05 0.81
CA PHE A 390 7.28 -1.05 0.61
C PHE A 390 6.55 -2.37 0.45
N LEU A 391 6.69 -2.99 -0.71
CA LEU A 391 5.97 -4.21 -1.03
C LEU A 391 6.98 -5.35 -1.10
N HIS A 392 6.79 -6.37 -0.26
CA HIS A 392 7.78 -7.44 -0.17
C HIS A 392 7.16 -8.65 0.50
N ASP A 393 7.36 -9.82 -0.10
CA ASP A 393 6.99 -11.10 0.49
C ASP A 393 5.52 -11.19 0.86
N GLY A 394 4.66 -10.48 0.14
CA GLY A 394 3.25 -10.49 0.39
C GLY A 394 2.79 -9.40 1.35
N TYR A 395 3.73 -8.71 2.00
CA TYR A 395 3.45 -7.63 2.92
C TYR A 395 3.38 -6.30 2.17
N ALA A 396 2.62 -5.36 2.74
CA ALA A 396 2.69 -3.96 2.34
C ALA A 396 2.83 -3.11 3.60
N VAL A 397 3.88 -2.30 3.66
CA VAL A 397 4.08 -1.43 4.81
C VAL A 397 4.37 -0.02 4.31
N SER A 398 3.97 0.96 5.10
CA SER A 398 4.20 2.36 4.76
C SER A 398 4.16 3.26 5.99
N TRP A 399 4.85 4.38 5.88
CA TRP A 399 4.63 5.45 6.85
C TRP A 399 3.21 5.98 6.69
N ASN A 400 2.53 6.24 7.83
CA ASN A 400 1.14 6.68 7.76
C ASN A 400 1.02 8.04 7.07
N THR A 401 1.87 9.00 7.45
CA THR A 401 1.94 10.32 6.86
C THR A 401 3.40 10.66 6.60
N VAL A 402 3.62 11.76 5.88
CA VAL A 402 4.98 12.21 5.58
C VAL A 402 5.73 12.60 6.84
N GLU A 403 5.06 13.31 7.76
CA GLU A 403 5.73 13.74 8.99
C GLU A 403 6.22 12.55 9.80
N ASP A 404 5.47 11.43 9.81
CA ASP A 404 5.90 10.22 10.51
C ASP A 404 7.26 9.75 10.02
N SER A 405 7.57 9.94 8.73
CA SER A 405 8.84 9.47 8.20
C SER A 405 10.01 10.36 8.59
N ILE A 406 9.77 11.41 9.36
CA ILE A 406 10.81 12.35 9.74
C ILE A 406 11.05 12.25 11.23
N ILE A 407 12.31 12.04 11.61
CA ILE A 407 12.73 12.13 12.99
C ILE A 407 13.28 13.54 13.17
N ARG A 408 12.52 14.38 13.87
CA ARG A 408 13.00 15.73 14.13
C ARG A 408 14.10 15.69 15.18
N THR A 409 14.94 16.72 15.17
CA THR A 409 16.08 16.75 16.08
C THR A 409 16.33 18.19 16.51
N GLY A 410 17.11 18.33 17.57
CA GLY A 410 17.38 19.65 18.12
C GLY A 410 16.43 20.05 19.21
N PHE A 411 15.93 19.09 19.99
CA PHE A 411 15.06 19.38 21.11
C PHE A 411 15.04 18.18 22.03
N GLN A 412 14.84 18.47 23.30
CA GLN A 412 14.67 17.45 24.31
C GLN A 412 13.22 17.00 24.33
N GLY A 413 13.00 15.69 24.36
CA GLY A 413 11.64 15.17 24.44
C GLY A 413 11.28 14.11 23.42
N GLU A 414 9.99 14.03 23.14
CA GLU A 414 9.35 12.86 22.55
C GLU A 414 8.87 13.13 21.14
N SER A 415 8.69 12.04 20.39
CA SER A 415 7.93 12.07 19.17
C SER A 415 7.30 10.69 18.95
N GLY A 416 6.26 10.66 18.11
CA GLY A 416 5.62 9.41 17.72
C GLY A 416 5.52 9.30 16.22
N HIS A 417 5.57 8.04 15.74
CA HIS A 417 5.70 7.73 14.31
C HIS A 417 4.87 6.50 13.97
N ASP A 418 3.93 6.64 13.03
CA ASP A 418 2.99 5.56 12.71
C ASP A 418 3.37 4.90 11.39
N ILE A 419 3.39 3.57 11.41
CA ILE A 419 3.61 2.74 10.24
C ILE A 419 2.40 1.83 10.08
N LYS A 420 1.78 1.88 8.91
CA LYS A 420 0.77 0.92 8.50
C LYS A 420 1.39 -0.39 7.98
N ILE A 421 0.73 -1.51 8.28
CA ILE A 421 1.20 -2.83 7.89
C ILE A 421 -0.01 -3.69 7.54
N THR A 422 0.00 -4.31 6.37
CA THR A 422 -0.93 -5.41 6.10
C THR A 422 -0.25 -6.42 5.16
N ALA A 423 -1.02 -7.41 4.71
CA ALA A 423 -0.56 -8.43 3.78
C ALA A 423 -1.70 -8.76 2.83
N GLU A 424 -1.33 -9.39 1.70
CA GLU A 424 -2.20 -9.49 0.52
C GLU A 424 -3.27 -10.56 0.67
N ASN A 425 -3.00 -11.64 1.41
CA ASN A 425 -3.97 -12.74 1.48
C ASN A 425 -3.98 -13.46 2.84
N THR A 426 -3.27 -14.58 3.00
CA THR A 426 -3.34 -15.34 4.25
C THR A 426 -2.61 -14.59 5.36
N PRO A 427 -2.78 -15.01 6.62
CA PRO A 427 -2.15 -14.29 7.75
C PRO A 427 -0.66 -14.53 7.83
N LEU A 428 0.08 -13.47 7.73
CA LEU A 428 1.52 -13.48 7.83
C LEU A 428 1.95 -12.77 9.10
N PRO A 429 2.93 -13.30 9.82
CA PRO A 429 3.25 -12.76 11.15
C PRO A 429 4.15 -11.55 11.04
N ILE A 430 4.20 -10.80 12.14
CA ILE A 430 5.17 -9.74 12.34
C ILE A 430 5.95 -10.08 13.60
N ALA A 431 7.23 -10.40 13.42
CA ALA A 431 8.07 -10.84 14.52
C ALA A 431 8.45 -9.70 15.45
N GLY A 432 8.59 -8.49 14.92
CA GLY A 432 9.18 -7.42 15.69
C GLY A 432 9.67 -6.30 14.79
N VAL A 433 10.37 -5.36 15.41
CA VAL A 433 10.91 -4.24 14.65
C VAL A 433 12.27 -3.84 15.18
N LEU A 434 13.17 -3.49 14.26
CA LEU A 434 14.50 -2.98 14.58
C LEU A 434 14.48 -1.47 14.56
N LEU A 435 14.92 -0.87 15.64
CA LEU A 435 14.85 0.55 15.78
C LEU A 435 16.22 1.17 16.04
N PRO A 436 16.47 2.35 15.50
CA PRO A 436 17.76 3.01 15.73
C PRO A 436 17.81 3.66 17.10
N THR A 437 19.02 3.70 17.67
CA THR A 437 19.24 4.42 18.92
C THR A 437 20.57 5.16 18.85
N ILE A 438 20.70 6.16 19.72
CA ILE A 438 21.93 6.94 19.85
C ILE A 438 22.33 6.90 21.31
N PRO A 439 23.40 6.21 21.66
CA PRO A 439 23.74 6.07 23.08
C PRO A 439 23.98 7.44 23.69
N GLY A 440 23.02 7.90 24.48
CA GLY A 440 23.09 9.19 25.14
C GLY A 440 22.10 10.21 24.63
N LYS A 441 21.69 10.12 23.35
CA LYS A 441 20.93 11.18 22.70
C LYS A 441 19.54 10.77 22.22
N LEU A 442 19.34 9.52 21.80
CA LEU A 442 18.11 9.09 21.15
C LEU A 442 17.80 7.67 21.63
N ASP A 443 16.65 7.49 22.25
CA ASP A 443 16.30 6.18 22.72
C ASP A 443 14.83 5.89 22.45
N VAL A 444 14.52 4.60 22.45
CA VAL A 444 13.16 4.12 22.33
C VAL A 444 12.38 4.43 23.60
N ASN A 445 11.24 5.10 23.46
CA ASN A 445 10.33 5.25 24.60
C ASN A 445 9.55 3.95 24.71
N LYS A 446 10.01 3.05 25.59
CA LYS A 446 9.45 1.69 25.67
C LYS A 446 8.03 1.69 26.20
N SER A 447 7.58 2.81 26.76
CA SER A 447 6.24 2.86 27.30
C SER A 447 5.22 3.15 26.20
N LYS A 448 5.55 4.03 25.27
CA LYS A 448 4.59 4.47 24.27
C LYS A 448 4.72 3.73 22.95
N THR A 449 5.77 2.93 22.76
CA THR A 449 5.91 2.10 21.57
C THR A 449 5.04 0.85 21.68
N HIS A 450 4.23 0.60 20.65
CA HIS A 450 3.23 -0.47 20.71
C HIS A 450 2.73 -0.71 19.31
N ILE A 451 1.91 -1.74 19.15
CA ILE A 451 1.35 -2.08 17.87
C ILE A 451 -0.10 -2.50 18.02
N SER A 452 -0.90 -2.16 17.02
CA SER A 452 -2.33 -2.30 17.10
C SER A 452 -2.81 -3.04 15.88
N VAL A 453 -3.62 -4.09 16.09
CA VAL A 453 -4.07 -5.03 15.09
C VAL A 453 -5.58 -4.98 15.05
N ASN A 454 -6.13 -4.37 14.01
CA ASN A 454 -7.55 -4.11 13.90
C ASN A 454 -8.11 -3.49 15.19
N GLY A 455 -7.34 -2.61 15.82
CA GLY A 455 -7.78 -1.91 17.04
C GLY A 455 -7.34 -2.54 18.36
N ARG A 456 -6.88 -3.78 18.33
CA ARG A 456 -6.39 -4.43 19.55
C ARG A 456 -4.98 -3.93 19.84
N LYS A 457 -4.79 -3.33 21.02
CA LYS A 457 -3.52 -2.73 21.38
C LYS A 457 -2.62 -3.81 21.96
N ILE A 458 -1.41 -3.93 21.39
CA ILE A 458 -0.43 -4.95 21.79
C ILE A 458 0.81 -4.22 22.26
N ARG A 459 1.19 -4.44 23.52
CA ARG A 459 2.38 -3.85 24.07
C ARG A 459 3.59 -4.60 23.54
N MET A 460 4.76 -3.98 23.69
CA MET A 460 5.99 -4.53 23.13
C MET A 460 7.05 -4.65 24.20
N ARG A 461 7.91 -5.66 24.05
CA ARG A 461 9.11 -5.79 24.85
C ARG A 461 10.28 -5.39 23.97
N CYS A 462 10.98 -4.35 24.42
CA CYS A 462 12.07 -3.72 23.68
C CYS A 462 13.37 -4.00 24.43
N ARG A 463 14.34 -4.58 23.73
CA ARG A 463 15.63 -4.94 24.33
C ARG A 463 16.72 -4.51 23.37
N ALA A 464 17.68 -3.75 23.89
CA ALA A 464 18.81 -3.32 23.08
C ALA A 464 19.60 -4.53 22.60
N ILE A 465 19.90 -4.55 21.31
CA ILE A 465 20.89 -5.50 20.81
C ILE A 465 22.29 -4.96 21.02
N ASP A 466 22.46 -3.66 20.85
CA ASP A 466 23.67 -2.94 21.23
C ASP A 466 23.28 -1.47 21.33
N GLY A 467 24.29 -0.61 21.40
CA GLY A 467 24.05 0.81 21.59
C GLY A 467 23.32 1.49 20.44
N ASP A 468 23.39 0.93 19.23
CA ASP A 468 22.80 1.59 18.06
C ASP A 468 21.48 1.00 17.59
N VAL A 469 21.11 -0.21 18.04
CA VAL A 469 19.93 -0.90 17.55
C VAL A 469 19.17 -1.54 18.70
N THR A 470 17.86 -1.25 18.77
CA THR A 470 16.96 -1.91 19.69
C THR A 470 15.97 -2.78 18.91
N PHE A 471 15.68 -3.95 19.44
CA PHE A 471 14.67 -4.85 18.91
C PHE A 471 13.46 -4.84 19.83
N CYS A 472 12.30 -4.55 19.25
CA CYS A 472 11.02 -4.57 19.99
C CYS A 472 10.16 -5.70 19.42
N ARG A 473 9.62 -6.53 20.31
CA ARG A 473 8.80 -7.64 19.88
C ARG A 473 7.43 -7.57 20.56
N PRO A 474 6.35 -7.85 19.83
CA PRO A 474 5.02 -7.72 20.45
C PRO A 474 4.81 -8.78 21.52
N LYS A 475 4.06 -8.40 22.54
CA LYS A 475 3.87 -9.32 23.64
C LYS A 475 2.74 -10.31 23.38
N SER A 476 2.01 -10.16 22.28
CA SER A 476 1.25 -11.32 21.80
C SER A 476 1.31 -11.37 20.29
N PRO A 477 0.88 -12.46 19.68
CA PRO A 477 1.19 -12.65 18.26
C PRO A 477 0.49 -11.63 17.37
N VAL A 478 1.25 -11.15 16.39
CA VAL A 478 0.74 -10.22 15.37
C VAL A 478 0.67 -10.95 14.03
N TYR A 479 -0.52 -10.96 13.43
CA TYR A 479 -0.70 -11.43 12.06
C TYR A 479 -1.45 -10.38 11.27
N VAL A 480 -1.07 -10.21 10.01
CA VAL A 480 -1.79 -9.34 9.09
C VAL A 480 -2.17 -10.15 7.85
N GLY A 481 -3.02 -9.56 7.02
CA GLY A 481 -3.54 -10.26 5.86
C GLY A 481 -4.72 -9.51 5.30
N ASN A 482 -5.47 -10.17 4.42
CA ASN A 482 -6.64 -9.52 3.81
C ASN A 482 -7.68 -9.30 4.90
N GLY A 483 -8.01 -8.04 5.17
CA GLY A 483 -8.92 -7.72 6.23
C GLY A 483 -8.29 -7.57 7.60
N VAL A 484 -6.97 -7.72 7.74
CA VAL A 484 -6.31 -7.52 9.02
C VAL A 484 -5.05 -6.68 8.80
N HIS A 485 -5.04 -5.49 9.37
CA HIS A 485 -3.91 -4.60 9.28
C HIS A 485 -3.48 -4.21 10.69
N ALA A 486 -2.27 -3.67 10.76
CA ALA A 486 -1.73 -3.17 12.01
C ALA A 486 -1.19 -1.77 11.81
N ASN A 487 -1.17 -1.05 12.91
CA ASN A 487 -0.53 0.26 13.03
C ASN A 487 0.59 0.11 14.05
N LEU A 488 1.83 0.24 13.60
CA LEU A 488 2.99 0.19 14.49
C LEU A 488 3.33 1.60 14.89
N HIS A 489 3.30 1.86 16.20
CA HIS A 489 3.54 3.19 16.72
C HIS A 489 4.90 3.18 17.41
N VAL A 490 5.83 3.95 16.87
CA VAL A 490 7.17 4.03 17.38
C VAL A 490 7.32 5.37 18.10
N ALA A 491 7.84 5.34 19.31
CA ALA A 491 8.00 6.56 20.09
C ALA A 491 9.48 6.69 20.47
N PHE A 492 10.03 7.85 20.18
CA PHE A 492 11.43 8.14 20.44
C PHE A 492 11.54 9.18 21.53
N HIS A 493 12.55 9.02 22.37
CA HIS A 493 12.90 9.97 23.42
C HIS A 493 14.29 10.54 23.18
N ARG A 494 14.38 11.88 23.21
CA ARG A 494 15.64 12.61 23.05
C ARG A 494 16.02 13.22 24.39
N SER A 495 17.19 12.84 24.91
CA SER A 495 17.59 13.29 26.25
C SER A 495 18.38 14.60 26.22
N SER A 496 18.91 14.98 25.07
CA SER A 496 19.54 16.27 24.86
C SER A 496 18.74 17.06 23.85
N SER A 497 19.06 18.35 23.78
CA SER A 497 18.64 19.20 22.67
C SER A 497 19.66 19.20 21.53
N GLU A 498 20.69 18.37 21.60
CA GLU A 498 21.72 18.39 20.57
C GLU A 498 21.20 17.82 19.26
N LYS A 499 21.49 18.52 18.18
CA LYS A 499 21.15 18.01 16.85
C LYS A 499 21.90 16.71 16.60
N ILE A 500 21.17 15.69 16.14
CA ILE A 500 21.80 14.45 15.73
C ILE A 500 22.75 14.77 14.57
N HIS A 501 23.80 13.96 14.45
CA HIS A 501 24.76 14.10 13.36
C HIS A 501 24.76 12.84 12.52
N SER A 502 24.84 13.03 11.20
CA SER A 502 24.81 11.90 10.28
C SER A 502 25.78 10.79 10.71
N ASN A 503 26.93 11.20 11.27
CA ASN A 503 27.86 10.22 11.80
C ASN A 503 27.21 9.37 12.89
N GLU A 504 26.43 10.02 13.78
CA GLU A 504 25.90 9.33 14.95
C GLU A 504 24.91 8.23 14.60
N ILE A 505 24.49 8.11 13.34
CA ILE A 505 23.43 7.18 12.97
C ILE A 505 23.78 6.51 11.65
N SER A 506 23.65 5.18 11.62
CA SER A 506 24.15 4.38 10.51
C SER A 506 23.03 4.00 9.55
N SER A 507 22.13 3.14 10.02
CA SER A 507 20.93 2.86 9.24
C SER A 507 20.15 4.14 9.02
N ASP A 508 19.48 4.22 7.87
CA ASP A 508 18.48 5.25 7.65
C ASP A 508 17.09 4.63 7.50
N SER A 509 16.90 3.43 8.05
CA SER A 509 15.65 2.70 7.96
C SER A 509 15.25 2.12 9.31
N ILE A 510 13.96 1.97 9.47
CA ILE A 510 13.39 1.17 10.53
C ILE A 510 13.10 -0.19 9.92
N GLY A 511 13.56 -1.25 10.58
CA GLY A 511 13.35 -2.58 10.04
C GLY A 511 12.25 -3.35 10.73
N VAL A 512 11.17 -3.62 10.02
CA VAL A 512 10.08 -4.47 10.49
C VAL A 512 10.34 -5.87 9.96
N LEU A 513 10.30 -6.86 10.86
CA LEU A 513 10.59 -8.23 10.55
C LEU A 513 9.29 -9.01 10.35
N GLY A 514 9.15 -9.59 9.20
CA GLY A 514 8.07 -10.49 8.91
C GLY A 514 8.37 -11.92 9.30
N TYR A 515 7.85 -12.84 8.52
CA TYR A 515 7.96 -14.25 8.87
C TYR A 515 9.39 -14.76 8.62
N GLN A 516 9.70 -15.88 9.27
CA GLN A 516 11.01 -16.51 9.19
C GLN A 516 10.97 -17.67 8.19
N LYS A 517 11.93 -17.69 7.28
CA LYS A 517 12.02 -18.73 6.27
C LYS A 517 13.35 -19.47 6.44
N THR A 522 19.94 -21.64 7.52
CA THR A 522 20.17 -20.23 7.20
C THR A 522 18.92 -19.38 7.48
N LYS A 523 18.35 -19.55 8.68
CA LYS A 523 17.11 -18.89 9.03
C LYS A 523 17.25 -17.37 8.93
N VAL A 524 16.46 -16.76 8.05
CA VAL A 524 16.38 -15.31 7.94
C VAL A 524 14.93 -14.85 8.02
N ASN A 525 14.75 -13.58 8.33
CA ASN A 525 13.42 -12.99 8.36
C ASN A 525 13.17 -12.16 7.12
N SER A 526 11.91 -12.10 6.71
CA SER A 526 11.50 -11.12 5.71
C SER A 526 11.68 -9.74 6.30
N LYS A 527 12.38 -8.87 5.60
CA LYS A 527 12.68 -7.54 6.12
C LYS A 527 11.87 -6.52 5.35
N LEU A 528 11.11 -5.73 6.09
CA LEU A 528 10.30 -4.66 5.53
C LEU A 528 10.85 -3.37 6.10
N SER A 529 11.28 -2.49 5.21
CA SER A 529 12.10 -1.34 5.57
C SER A 529 11.32 -0.07 5.34
N LEU A 530 11.32 0.79 6.34
CA LEU A 530 10.74 2.11 6.26
C LEU A 530 11.86 3.12 6.44
N PHE A 531 12.06 3.98 5.47
CA PHE A 531 13.21 4.87 5.44
C PHE A 531 12.82 6.21 6.03
N PHE A 532 13.62 6.73 6.94
CA PHE A 532 13.36 8.00 7.58
C PHE A 532 14.40 9.05 7.18
N GLU A 533 14.09 10.29 7.52
CA GLU A 533 14.98 11.41 7.33
C GLU A 533 15.08 12.17 8.63
N ILE A 534 16.30 12.57 8.96
CA ILE A 534 16.55 13.45 10.10
C ILE A 534 16.45 14.88 9.61
N LYS A 535 15.72 15.72 10.35
CA LYS A 535 15.61 17.13 10.02
C LYS A 535 15.48 17.94 11.31
N SER A 536 15.94 19.19 11.26
CA SER A 536 15.72 20.12 12.34
C SER A 536 14.25 20.50 12.42
N MET A 537 13.87 21.10 13.53
CA MET A 537 12.56 21.73 13.67
C MET A 537 12.34 22.81 12.61
N ALA A 538 11.08 23.22 12.48
CA ALA A 538 10.68 24.24 11.51
C ALA A 538 9.87 25.35 12.20
N ALA B 3 -5.86 25.85 23.34
CA ALA B 3 -7.20 26.11 23.86
C ALA B 3 -8.18 25.12 23.23
N ASP B 4 -8.91 25.58 22.21
CA ASP B 4 -9.65 24.66 21.34
C ASP B 4 -8.73 23.89 20.40
N ASP B 5 -7.43 24.22 20.38
CA ASP B 5 -6.47 23.51 19.53
C ASP B 5 -6.02 22.19 20.11
N VAL B 6 -6.31 21.91 21.38
CA VAL B 6 -5.90 20.67 22.02
C VAL B 6 -7.05 19.94 22.69
N VAL B 7 -8.27 20.47 22.63
CA VAL B 7 -9.42 19.86 23.29
C VAL B 7 -10.53 19.65 22.29
N ASP B 8 -11.05 18.42 22.23
CA ASP B 8 -12.23 18.06 21.43
C ASP B 8 -13.45 18.13 22.34
N SER B 9 -14.12 19.28 22.31
CA SER B 9 -15.32 19.46 23.13
C SER B 9 -16.40 18.45 22.78
N SER B 10 -16.51 18.06 21.52
CA SER B 10 -17.56 17.14 21.11
C SER B 10 -17.44 15.77 21.78
N LYS B 11 -16.27 15.42 22.31
CA LYS B 11 -16.13 14.16 23.03
C LYS B 11 -15.86 14.38 24.51
N SER B 12 -15.93 15.62 24.97
CA SER B 12 -15.87 15.93 26.39
C SER B 12 -17.29 16.07 26.93
N PHE B 13 -17.45 15.78 28.22
CA PHE B 13 -18.76 15.88 28.86
C PHE B 13 -18.58 15.70 30.35
N VAL B 14 -19.61 16.07 31.10
CA VAL B 14 -19.69 15.74 32.52
C VAL B 14 -20.69 14.61 32.66
N MET B 15 -20.41 13.71 33.59
CA MET B 15 -21.30 12.59 33.80
C MET B 15 -21.29 12.23 35.29
N GLU B 16 -22.42 11.70 35.75
CA GLU B 16 -22.57 11.24 37.11
C GLU B 16 -22.33 9.73 37.18
N ASN B 17 -21.55 9.31 38.17
CA ASN B 17 -21.19 7.90 38.31
C ASN B 17 -20.43 7.39 37.08
N PHE B 18 -19.53 8.20 36.58
CA PHE B 18 -18.67 7.77 35.48
C PHE B 18 -17.95 6.48 35.81
N SER B 19 -18.22 5.44 35.04
CA SER B 19 -17.50 4.19 35.19
C SER B 19 -16.65 3.91 33.94
N SER B 20 -15.68 3.02 34.12
CA SER B 20 -14.78 2.58 33.05
C SER B 20 -14.19 1.24 33.49
N TYR B 21 -13.33 0.66 32.65
CA TYR B 21 -12.89 -0.71 32.86
C TYR B 21 -11.36 -0.76 32.87
N HIS B 22 -10.84 -1.76 33.56
CA HIS B 22 -9.41 -1.89 33.77
C HIS B 22 -9.09 -3.37 33.73
N GLY B 23 -8.20 -3.74 32.82
CA GLY B 23 -7.71 -5.11 32.77
C GLY B 23 -6.68 -5.33 33.86
N THR B 24 -6.77 -6.50 34.48
CA THR B 24 -6.05 -6.79 35.71
C THR B 24 -5.35 -8.14 35.59
N LYS B 25 -4.07 -8.16 35.92
CA LYS B 25 -3.30 -9.35 35.63
C LYS B 25 -3.50 -10.38 36.72
N PRO B 26 -3.23 -11.65 36.43
CA PRO B 26 -3.48 -12.70 37.42
C PRO B 26 -2.74 -12.39 38.71
N GLY B 27 -3.46 -12.56 39.83
CA GLY B 27 -2.93 -12.31 41.16
C GLY B 27 -3.44 -11.02 41.79
N TYR B 28 -3.85 -10.07 40.97
CA TYR B 28 -4.33 -8.77 41.45
C TYR B 28 -5.82 -8.60 41.29
N VAL B 29 -6.54 -9.66 40.92
CA VAL B 29 -7.96 -9.54 40.63
C VAL B 29 -8.75 -9.24 41.91
N ASP B 30 -8.33 -9.79 43.05
CA ASP B 30 -9.00 -9.49 44.32
C ASP B 30 -8.34 -8.33 45.05
N SER B 31 -7.02 -8.20 44.95
CA SER B 31 -6.32 -7.14 45.66
C SER B 31 -6.73 -5.76 45.15
N ILE B 32 -7.07 -5.65 43.87
CA ILE B 32 -7.35 -4.33 43.31
C ILE B 32 -8.74 -3.84 43.70
N GLN B 33 -9.65 -4.75 44.04
CA GLN B 33 -10.98 -4.32 44.47
C GLN B 33 -10.93 -3.57 45.80
N LYS B 34 -9.85 -3.72 46.56
CA LYS B 34 -9.62 -2.95 47.79
C LYS B 34 -9.42 -1.48 47.52
N GLY B 35 -9.18 -1.10 46.26
CA GLY B 35 -8.96 0.29 45.94
C GLY B 35 -7.78 0.51 45.02
N ILE B 36 -7.81 1.64 44.32
CA ILE B 36 -6.83 1.95 43.30
C ILE B 36 -5.67 2.66 43.98
N GLN B 37 -4.56 1.95 44.16
CA GLN B 37 -3.34 2.52 44.72
C GLN B 37 -2.17 2.26 43.76
N LYS B 38 -1.20 3.16 43.83
CA LYS B 38 -0.11 3.21 42.86
C LYS B 38 1.08 2.39 43.36
N PRO B 39 1.61 1.44 42.57
CA PRO B 39 2.86 0.76 42.95
C PRO B 39 4.04 1.71 43.14
N ASP B 49 6.94 11.47 33.49
CA ASP B 49 6.00 11.69 34.60
C ASP B 49 4.73 12.37 34.10
N ASP B 50 4.77 12.82 32.84
CA ASP B 50 3.65 13.60 32.31
C ASP B 50 2.40 12.75 32.15
N TRP B 51 2.57 11.45 31.91
CA TRP B 51 1.46 10.53 31.70
C TRP B 51 1.35 9.49 32.79
N GLU B 52 2.13 9.61 33.87
CA GLU B 52 2.04 8.66 34.96
C GLU B 52 0.67 8.79 35.63
N GLY B 53 -0.06 7.70 35.65
CA GLY B 53 -1.46 7.75 36.04
C GLY B 53 -2.06 6.37 35.95
N PHE B 54 -3.32 6.28 36.32
CA PHE B 54 -4.05 5.03 36.27
C PHE B 54 -4.84 4.98 34.97
N TYR B 55 -4.76 3.88 34.25
CA TYR B 55 -5.32 3.78 32.91
C TYR B 55 -6.58 2.93 32.92
N SER B 56 -7.56 3.38 32.16
CA SER B 56 -8.77 2.61 31.96
C SER B 56 -9.31 2.89 30.56
N THR B 57 -10.34 2.16 30.19
CA THR B 57 -10.93 2.27 28.87
C THR B 57 -12.44 2.13 28.99
N ASP B 58 -13.15 2.53 27.93
CA ASP B 58 -14.61 2.42 27.93
C ASP B 58 -15.09 1.08 27.42
N ASN B 59 -14.20 0.23 26.95
CA ASN B 59 -14.56 -1.05 26.34
C ASN B 59 -14.00 -2.17 27.20
N LYS B 60 -14.88 -2.94 27.83
CA LYS B 60 -14.43 -3.97 28.74
C LYS B 60 -13.71 -5.07 28.00
N TYR B 61 -13.99 -5.22 26.70
CA TYR B 61 -13.32 -6.24 25.90
C TYR B 61 -11.89 -5.81 25.56
N ASP B 62 -11.67 -4.53 25.29
CA ASP B 62 -10.30 -4.02 25.21
C ASP B 62 -9.62 -4.12 26.56
N ALA B 63 -10.36 -3.89 27.64
CA ALA B 63 -9.78 -4.01 28.97
C ALA B 63 -9.18 -5.39 29.18
N ALA B 64 -9.88 -6.42 28.68
CA ALA B 64 -9.42 -7.79 28.86
C ALA B 64 -8.13 -8.08 28.11
N GLY B 65 -7.79 -7.29 27.11
CA GLY B 65 -6.53 -7.46 26.40
C GLY B 65 -5.33 -7.01 27.17
N TYR B 66 -5.53 -6.47 28.39
CA TYR B 66 -4.45 -6.10 29.30
C TYR B 66 -4.28 -7.12 30.43
N SER B 67 -5.02 -8.21 30.39
CA SER B 67 -5.19 -9.08 31.55
C SER B 67 -4.21 -10.24 31.60
N VAL B 68 -3.34 -10.40 30.61
CA VAL B 68 -2.50 -11.60 30.50
C VAL B 68 -1.19 -11.40 31.22
N ASP B 69 -0.81 -12.39 32.04
CA ASP B 69 0.50 -12.53 32.67
C ASP B 69 1.60 -11.82 31.87
N ASN B 70 2.28 -10.86 32.49
CA ASN B 70 3.26 -10.07 31.75
C ASN B 70 4.54 -10.85 31.46
N GLU B 71 4.82 -11.93 32.19
CA GLU B 71 6.04 -12.70 31.99
C GLU B 71 5.84 -13.93 31.10
N ASN B 72 4.61 -14.38 30.90
CA ASN B 72 4.28 -15.43 29.93
C ASN B 72 3.14 -14.93 29.04
N PRO B 73 3.37 -13.85 28.29
CA PRO B 73 2.24 -13.18 27.63
C PRO B 73 1.64 -13.96 26.48
N LEU B 74 2.41 -14.82 25.80
CA LEU B 74 1.88 -15.53 24.64
C LEU B 74 0.92 -16.63 25.03
N SER B 75 1.21 -17.34 26.14
CA SER B 75 0.43 -18.49 26.56
C SER B 75 -0.01 -18.47 28.02
N GLY B 76 0.44 -17.50 28.82
CA GLY B 76 0.10 -17.48 30.23
C GLY B 76 -1.37 -17.25 30.50
N LYS B 77 -1.73 -17.25 31.78
CA LYS B 77 -3.12 -17.13 32.19
C LYS B 77 -3.58 -15.68 32.10
N ALA B 78 -4.88 -15.51 31.88
CA ALA B 78 -5.54 -14.22 31.89
C ALA B 78 -6.17 -13.99 33.27
N GLY B 79 -6.00 -12.77 33.80
CA GLY B 79 -6.52 -12.41 35.11
C GLY B 79 -7.98 -12.01 35.08
N GLY B 80 -8.27 -10.72 34.88
CA GLY B 80 -9.65 -10.32 34.83
C GLY B 80 -9.84 -8.87 34.40
N VAL B 81 -11.08 -8.42 34.50
CA VAL B 81 -11.48 -7.06 34.18
C VAL B 81 -12.31 -6.53 35.36
N VAL B 82 -11.95 -5.37 35.88
CA VAL B 82 -12.75 -4.73 36.92
C VAL B 82 -13.41 -3.47 36.35
N LYS B 83 -14.52 -3.09 36.99
CA LYS B 83 -15.21 -1.84 36.71
C LYS B 83 -14.93 -0.87 37.84
N VAL B 84 -14.56 0.35 37.50
CA VAL B 84 -14.29 1.39 38.47
C VAL B 84 -15.21 2.57 38.21
N THR B 85 -15.84 3.07 39.28
CA THR B 85 -16.80 4.16 39.19
C THR B 85 -16.40 5.29 40.14
N TYR B 86 -16.48 6.51 39.65
CA TYR B 86 -16.32 7.68 40.48
C TYR B 86 -17.69 8.12 41.00
N PRO B 87 -17.89 8.24 42.31
CA PRO B 87 -19.15 8.81 42.77
C PRO B 87 -19.21 10.30 42.46
N GLY B 88 -20.40 10.78 42.16
CA GLY B 88 -20.56 12.19 41.89
C GLY B 88 -20.27 12.56 40.45
N LEU B 89 -19.75 13.76 40.24
CA LEU B 89 -19.64 14.34 38.90
C LEU B 89 -18.19 14.31 38.44
N THR B 90 -17.99 13.81 37.23
CA THR B 90 -16.67 13.68 36.63
C THR B 90 -16.66 14.31 35.25
N LYS B 91 -15.65 15.11 34.98
CA LYS B 91 -15.43 15.72 33.68
C LYS B 91 -14.46 14.85 32.89
N VAL B 92 -14.93 14.32 31.76
CA VAL B 92 -14.06 13.63 30.79
C VAL B 92 -13.58 14.68 29.80
N LEU B 93 -12.27 14.93 29.77
CA LEU B 93 -11.68 15.95 28.91
C LEU B 93 -10.91 15.25 27.79
N ALA B 94 -11.51 15.26 26.59
CA ALA B 94 -10.95 14.59 25.42
C ALA B 94 -9.96 15.52 24.73
N LEU B 95 -8.77 15.00 24.42
CA LEU B 95 -7.70 15.78 23.80
C LEU B 95 -7.40 15.29 22.39
N LYS B 96 -6.98 16.23 21.55
CA LYS B 96 -6.76 15.98 20.13
C LYS B 96 -5.29 15.70 19.78
N VAL B 97 -4.41 15.62 20.78
CA VAL B 97 -3.02 15.22 20.59
C VAL B 97 -2.55 14.59 21.90
N ASP B 98 -1.44 13.86 21.84
CA ASP B 98 -0.95 13.17 23.02
C ASP B 98 0.48 13.56 23.39
N ASN B 99 1.03 14.63 22.81
CA ASN B 99 2.33 15.14 23.24
C ASN B 99 2.13 16.08 24.43
N ALA B 100 2.71 15.71 25.58
CA ALA B 100 2.47 16.46 26.81
C ALA B 100 2.94 17.91 26.67
N GLU B 101 4.11 18.13 26.07
CA GLU B 101 4.61 19.48 25.93
C GLU B 101 3.65 20.35 25.12
N THR B 102 3.00 19.76 24.11
CA THR B 102 2.09 20.53 23.28
C THR B 102 0.83 20.93 24.04
N ILE B 103 0.40 20.12 25.02
CA ILE B 103 -0.85 20.39 25.73
C ILE B 103 -0.70 21.59 26.64
N LYS B 104 0.39 21.63 27.39
CA LYS B 104 0.56 22.68 28.39
C LYS B 104 0.81 24.05 27.75
N LYS B 105 1.55 24.07 26.64
CA LYS B 105 1.65 25.29 25.86
C LYS B 105 0.25 25.77 25.52
N GLU B 106 -0.38 25.14 24.53
CA GLU B 106 -1.66 25.60 24.00
C GLU B 106 -2.75 25.72 25.05
N LEU B 107 -2.55 25.17 26.25
CA LEU B 107 -3.46 25.44 27.36
C LEU B 107 -2.91 26.49 28.32
N GLY B 108 -1.59 26.71 28.32
CA GLY B 108 -0.99 27.72 29.17
C GLY B 108 -0.56 27.24 30.54
N LEU B 109 -0.64 25.94 30.82
CA LEU B 109 -0.27 25.43 32.13
C LEU B 109 1.22 25.66 32.40
N SER B 110 1.75 24.97 33.40
CA SER B 110 3.16 25.03 33.73
C SER B 110 3.92 23.99 32.91
N LEU B 111 4.87 24.44 32.09
CA LEU B 111 5.70 23.54 31.29
C LEU B 111 6.64 22.68 32.12
N THR B 112 6.60 22.77 33.45
CA THR B 112 7.54 22.07 34.31
C THR B 112 6.93 20.96 35.14
N GLU B 113 5.75 21.18 35.72
CA GLU B 113 5.12 20.08 36.44
C GLU B 113 4.52 19.07 35.46
N PRO B 114 4.50 17.78 35.81
CA PRO B 114 3.90 16.79 34.91
C PRO B 114 2.44 17.11 34.64
N LEU B 115 2.03 16.88 33.40
CA LEU B 115 0.63 17.15 33.03
C LEU B 115 -0.34 16.43 33.96
N MET B 116 -0.10 15.14 34.20
CA MET B 116 -1.08 14.39 34.98
C MET B 116 -1.07 14.81 36.45
N GLU B 117 0.06 15.31 36.95
CA GLU B 117 0.04 15.93 38.28
C GLU B 117 -0.84 17.17 38.26
N GLN B 118 -0.57 18.09 37.33
CA GLN B 118 -1.39 19.29 37.23
C GLN B 118 -2.85 18.96 37.03
N VAL B 119 -3.17 17.80 36.45
CA VAL B 119 -4.56 17.46 36.20
C VAL B 119 -5.31 17.13 37.50
N GLY B 120 -4.60 16.87 38.58
CA GLY B 120 -5.20 16.54 39.86
C GLY B 120 -5.32 17.68 40.84
N THR B 121 -5.07 18.92 40.43
CA THR B 121 -5.06 20.09 41.29
C THR B 121 -6.38 20.85 41.19
N GLU B 122 -6.70 21.59 42.26
CA GLU B 122 -7.97 22.30 42.30
C GLU B 122 -8.06 23.36 41.21
N GLU B 123 -6.94 24.00 40.88
CA GLU B 123 -6.94 25.05 39.86
C GLU B 123 -7.25 24.50 38.47
N PHE B 124 -6.70 23.32 38.15
CA PHE B 124 -7.07 22.65 36.90
C PHE B 124 -8.52 22.20 36.95
N ILE B 125 -8.89 21.45 37.99
CA ILE B 125 -10.25 20.95 38.10
C ILE B 125 -11.24 22.11 38.10
N LYS B 126 -10.88 23.22 38.76
CA LYS B 126 -11.77 24.38 38.74
C LYS B 126 -11.90 24.93 37.34
N ARG B 127 -10.79 24.97 36.59
CA ARG B 127 -10.80 25.63 35.30
C ARG B 127 -11.33 24.75 34.17
N PHE B 128 -11.27 23.43 34.32
CA PHE B 128 -11.73 22.52 33.26
C PHE B 128 -12.82 21.55 33.70
N GLY B 129 -13.10 21.41 34.99
CA GLY B 129 -14.09 20.46 35.47
C GLY B 129 -15.53 20.79 35.11
N ASP B 130 -15.81 22.00 34.66
CA ASP B 130 -17.20 22.42 34.37
C ASP B 130 -18.16 22.05 35.51
N GLY B 131 -17.66 22.05 36.74
CA GLY B 131 -18.47 21.79 37.92
C GLY B 131 -18.23 20.46 38.58
N ALA B 132 -17.36 19.61 38.02
CA ALA B 132 -17.20 18.26 38.52
C ALA B 132 -16.12 18.22 39.59
N SER B 133 -16.12 17.12 40.35
CA SER B 133 -15.15 16.97 41.43
C SER B 133 -13.75 16.62 40.92
N ARG B 134 -13.64 16.08 39.71
CA ARG B 134 -12.32 15.82 39.14
C ARG B 134 -12.44 15.67 37.64
N VAL B 135 -11.28 15.66 37.01
CA VAL B 135 -11.15 15.57 35.56
C VAL B 135 -10.39 14.28 35.22
N VAL B 136 -10.94 13.51 34.29
CA VAL B 136 -10.28 12.36 33.68
C VAL B 136 -9.91 12.73 32.25
N LEU B 137 -8.71 12.38 31.81
CA LEU B 137 -8.29 12.64 30.43
C LEU B 137 -8.76 11.51 29.52
N SER B 138 -9.19 11.87 28.31
CA SER B 138 -9.64 10.89 27.32
C SER B 138 -8.85 11.04 26.03
N LEU B 139 -8.41 9.92 25.50
CA LEU B 139 -7.68 9.88 24.24
C LEU B 139 -8.12 8.64 23.46
N PRO B 140 -8.01 8.66 22.14
CA PRO B 140 -8.35 7.46 21.38
C PRO B 140 -7.57 6.27 21.92
N PHE B 141 -8.22 5.10 21.94
CA PHE B 141 -7.55 3.91 22.48
C PHE B 141 -6.42 3.44 21.58
N ALA B 142 -6.58 3.51 20.26
CA ALA B 142 -5.58 2.98 19.32
C ALA B 142 -6.02 3.20 17.89
N GLU B 143 -5.09 3.30 16.93
CA GLU B 143 -5.50 3.34 15.54
C GLU B 143 -6.35 2.11 15.24
N GLY B 144 -7.37 2.28 14.41
CA GLY B 144 -8.28 1.20 14.09
C GLY B 144 -9.29 0.85 15.17
N SER B 145 -9.35 1.61 16.28
CA SER B 145 -10.29 1.32 17.35
C SER B 145 -11.23 2.50 17.58
N SER B 146 -12.47 2.18 17.93
CA SER B 146 -13.47 3.17 18.34
C SER B 146 -13.46 3.48 19.82
N SER B 147 -12.72 2.71 20.61
CA SER B 147 -12.72 2.84 22.05
C SER B 147 -11.87 4.03 22.49
N VAL B 148 -12.01 4.42 23.76
CA VAL B 148 -11.15 5.44 24.33
C VAL B 148 -10.38 4.87 25.52
N LYS B 149 -9.25 5.50 25.78
CA LYS B 149 -8.50 5.26 27.00
C LYS B 149 -8.66 6.50 27.88
N TYR B 150 -8.82 6.24 29.18
CA TYR B 150 -8.92 7.27 30.20
C TYR B 150 -7.67 7.26 31.06
N ILE B 151 -7.13 8.45 31.32
CA ILE B 151 -5.99 8.63 32.23
C ILE B 151 -6.47 9.38 33.47
N ASN B 152 -6.31 8.75 34.64
CA ASN B 152 -6.75 9.25 35.93
C ASN B 152 -5.56 9.67 36.78
N ASN B 153 -5.65 10.85 37.39
CA ASN B 153 -4.70 11.24 38.43
C ASN B 153 -4.72 10.22 39.57
N TRP B 154 -3.54 9.76 39.99
CA TRP B 154 -3.47 8.66 40.97
C TRP B 154 -4.14 9.03 42.30
N GLU B 155 -3.97 10.27 42.75
CA GLU B 155 -4.60 10.66 44.02
C GLU B 155 -6.12 10.68 43.86
N GLN B 156 -6.61 11.44 42.89
CA GLN B 156 -8.03 11.43 42.58
C GLN B 156 -8.60 10.02 42.43
N ALA B 157 -7.78 9.07 41.98
CA ALA B 157 -8.31 7.73 41.74
C ALA B 157 -8.57 6.96 43.02
N LYS B 158 -8.07 7.44 44.16
CA LYS B 158 -8.47 6.83 45.44
C LYS B 158 -9.97 6.87 45.65
N ALA B 159 -10.67 7.85 45.05
CA ALA B 159 -12.12 7.93 45.19
C ALA B 159 -12.85 6.88 44.37
N LEU B 160 -12.15 6.06 43.58
CA LEU B 160 -12.82 5.11 42.70
C LEU B 160 -13.35 3.91 43.48
N SER B 161 -14.62 3.59 43.26
CA SER B 161 -15.15 2.28 43.66
C SER B 161 -14.78 1.26 42.60
N VAL B 162 -14.52 0.04 43.03
CA VAL B 162 -13.96 -1.00 42.17
C VAL B 162 -14.80 -2.25 42.33
N GLU B 163 -15.51 -2.63 41.27
CA GLU B 163 -16.30 -3.86 41.26
C GLU B 163 -15.72 -4.84 40.24
N LEU B 164 -16.08 -6.09 40.41
CA LEU B 164 -15.63 -7.17 39.54
C LEU B 164 -16.55 -7.28 38.33
N GLU B 165 -15.95 -7.37 37.14
CA GLU B 165 -16.72 -7.62 35.92
C GLU B 165 -16.60 -9.05 35.45
N ILE B 166 -15.37 -9.60 35.43
CA ILE B 166 -15.16 -11.01 35.13
C ILE B 166 -13.77 -11.39 35.61
N ASN B 167 -13.62 -12.64 36.06
CA ASN B 167 -12.35 -13.23 36.47
C ASN B 167 -12.16 -14.45 35.60
N PHE B 168 -11.18 -14.41 34.70
CA PHE B 168 -11.08 -15.48 33.73
C PHE B 168 -10.62 -16.78 34.38
N GLU B 169 -9.70 -16.69 35.34
CA GLU B 169 -9.28 -17.89 36.04
C GLU B 169 -10.46 -18.67 36.60
N THR B 170 -11.38 -17.98 37.29
CA THR B 170 -12.50 -18.64 37.95
C THR B 170 -13.28 -19.52 36.99
N ARG B 171 -13.36 -19.14 35.72
CA ARG B 171 -14.08 -19.95 34.74
C ARG B 171 -13.47 -21.34 34.59
N GLY B 172 -12.20 -21.51 34.96
CA GLY B 172 -11.60 -22.82 35.02
C GLY B 172 -11.28 -23.47 33.69
N LYS B 173 -11.04 -22.68 32.65
CA LYS B 173 -10.84 -23.23 31.31
C LYS B 173 -9.36 -23.35 30.97
N ARG B 174 -9.08 -24.18 29.97
CA ARG B 174 -7.73 -24.38 29.48
C ARG B 174 -7.23 -23.17 28.68
N GLY B 175 -5.91 -23.12 28.54
CA GLY B 175 -5.21 -22.03 27.86
C GLY B 175 -5.77 -20.66 28.17
N GLN B 176 -6.07 -19.90 27.13
CA GLN B 176 -6.65 -18.57 27.28
C GLN B 176 -8.12 -18.54 26.84
N ASP B 177 -8.77 -19.71 26.82
CA ASP B 177 -10.11 -19.84 26.23
C ASP B 177 -11.08 -18.85 26.86
N ALA B 178 -10.99 -18.65 28.17
CA ALA B 178 -11.98 -17.79 28.83
C ALA B 178 -11.84 -16.35 28.36
N MET B 179 -10.62 -15.85 28.18
CA MET B 179 -10.42 -14.48 27.72
C MET B 179 -10.97 -14.27 26.31
N TYR B 180 -10.61 -15.14 25.39
CA TYR B 180 -11.06 -15.00 24.00
C TYR B 180 -12.55 -15.23 23.84
N GLU B 181 -13.15 -16.14 24.60
CA GLU B 181 -14.61 -16.33 24.48
C GLU B 181 -15.38 -15.12 25.02
N TYR B 182 -14.83 -14.44 26.02
CA TYR B 182 -15.36 -13.14 26.46
C TYR B 182 -15.22 -12.08 25.37
N MET B 183 -14.04 -11.99 24.75
CA MET B 183 -13.85 -11.00 23.69
C MET B 183 -14.78 -11.26 22.53
N ALA B 184 -15.08 -12.52 22.25
CA ALA B 184 -16.00 -12.84 21.17
C ALA B 184 -17.44 -12.44 21.48
N GLN B 185 -17.78 -12.07 22.73
CA GLN B 185 -19.14 -11.59 22.93
C GLN B 185 -19.34 -10.26 22.26
N ALA B 186 -18.27 -9.48 22.05
CA ALA B 186 -18.42 -8.16 21.45
C ALA B 186 -19.27 -8.19 20.18
N CYS B 187 -19.27 -9.32 19.46
CA CYS B 187 -20.02 -9.43 18.20
C CYS B 187 -21.20 -10.38 18.29
N ALA B 188 -21.74 -10.60 19.50
CA ALA B 188 -23.01 -11.30 19.69
C ALA B 188 -22.98 -12.72 19.14
N SER B 201 -20.90 -13.49 10.63
CA SER B 201 -19.74 -12.59 10.67
C SER B 201 -19.27 -12.36 12.11
N CYS B 202 -19.48 -13.36 12.95
CA CYS B 202 -18.85 -13.48 14.26
C CYS B 202 -18.37 -14.91 14.38
N ILE B 203 -17.15 -15.08 14.85
CA ILE B 203 -16.60 -16.39 15.11
C ILE B 203 -16.69 -16.60 16.60
N ASN B 204 -17.63 -17.45 17.04
CA ASN B 204 -17.88 -17.68 18.46
C ASN B 204 -17.87 -19.20 18.69
N LEU B 205 -16.68 -19.77 18.74
CA LEU B 205 -16.50 -21.20 18.84
C LEU B 205 -16.38 -21.61 20.30
N ASP B 206 -16.83 -22.84 20.59
CA ASP B 206 -16.66 -23.44 21.91
C ASP B 206 -15.36 -24.25 21.84
N TRP B 207 -14.29 -23.72 22.44
CA TRP B 207 -12.99 -24.36 22.32
C TRP B 207 -12.87 -25.60 23.19
N ASP B 208 -13.66 -25.70 24.27
CA ASP B 208 -13.79 -26.97 24.98
C ASP B 208 -14.21 -28.08 24.03
N VAL B 209 -15.26 -27.83 23.25
CA VAL B 209 -15.67 -28.82 22.25
C VAL B 209 -14.52 -29.09 21.29
N ILE B 210 -13.86 -28.04 20.80
CA ILE B 210 -12.82 -28.25 19.79
C ILE B 210 -11.67 -29.05 20.37
N ARG B 211 -11.27 -28.77 21.61
CA ARG B 211 -10.15 -29.52 22.20
C ARG B 211 -10.50 -30.99 22.34
N ASP B 212 -11.70 -31.29 22.86
CA ASP B 212 -12.11 -32.69 23.03
C ASP B 212 -12.23 -33.41 21.69
N LYS B 213 -12.85 -32.78 20.69
CA LYS B 213 -12.95 -33.43 19.39
C LYS B 213 -11.58 -33.65 18.76
N THR B 214 -10.63 -32.74 18.99
CA THR B 214 -9.29 -32.88 18.40
C THR B 214 -8.56 -34.09 18.97
N LYS B 215 -8.56 -34.23 20.30
CA LYS B 215 -7.91 -35.37 20.94
C LYS B 215 -8.53 -36.69 20.45
N THR B 216 -9.86 -36.77 20.48
CA THR B 216 -10.57 -37.94 19.94
C THR B 216 -10.15 -38.27 18.52
N LYS B 217 -10.17 -37.29 17.61
CA LYS B 217 -9.86 -37.60 16.22
C LYS B 217 -8.40 -38.02 16.04
N ILE B 218 -7.50 -37.43 16.82
CA ILE B 218 -6.09 -37.83 16.72
C ILE B 218 -5.95 -39.31 17.08
N GLU B 219 -6.56 -39.72 18.19
CA GLU B 219 -6.48 -41.10 18.67
C GLU B 219 -7.05 -42.08 17.65
N SER B 220 -8.25 -41.79 17.15
CA SER B 220 -8.89 -42.73 16.22
C SER B 220 -8.20 -42.73 14.87
N LEU B 221 -7.68 -41.59 14.41
CA LEU B 221 -6.97 -41.59 13.12
C LEU B 221 -5.72 -42.46 13.20
N LYS B 222 -5.03 -42.44 14.34
CA LYS B 222 -3.79 -43.19 14.47
C LYS B 222 -4.03 -44.70 14.39
N GLU B 223 -5.27 -45.16 14.56
CA GLU B 223 -5.59 -46.57 14.55
C GLU B 223 -6.28 -47.02 13.26
N GLN B 224 -6.36 -46.14 12.26
CA GLN B 224 -6.93 -46.51 10.98
C GLN B 224 -5.91 -47.29 10.16
N GLY B 225 -6.35 -48.39 9.58
CA GLY B 225 -5.48 -49.30 8.87
C GLY B 225 -4.61 -48.65 7.83
N PRO B 226 -5.21 -47.87 6.92
CA PRO B 226 -4.38 -47.20 5.90
C PRO B 226 -3.39 -46.22 6.51
N ILE B 227 -3.69 -45.63 7.67
CA ILE B 227 -2.76 -44.68 8.27
C ILE B 227 -1.62 -45.41 8.97
N LYS B 228 -1.92 -46.49 9.68
CA LYS B 228 -0.86 -47.38 10.16
C LYS B 228 -0.02 -47.87 9.00
N ASN B 229 -0.68 -48.35 7.94
CA ASN B 229 0.04 -48.82 6.77
C ASN B 229 0.98 -47.74 6.25
N LYS B 230 0.44 -46.56 5.92
CA LYS B 230 1.27 -45.52 5.36
C LYS B 230 2.38 -45.10 6.32
N MET B 231 2.09 -45.11 7.63
CA MET B 231 3.13 -44.76 8.61
C MET B 231 4.35 -45.67 8.47
N SER B 232 4.12 -46.99 8.48
CA SER B 232 5.23 -47.94 8.33
C SER B 232 5.99 -47.74 7.03
N GLU B 233 5.39 -47.06 6.05
CA GLU B 233 6.08 -46.72 4.81
C GLU B 233 6.98 -45.49 4.95
N SER B 234 6.98 -44.84 6.12
CA SER B 234 7.87 -43.70 6.32
C SER B 234 9.33 -44.17 6.30
N PRO B 235 10.24 -43.37 5.73
CA PRO B 235 11.67 -43.61 5.98
C PRO B 235 12.05 -43.50 7.44
N ASN B 236 11.22 -42.84 8.25
CA ASN B 236 11.43 -42.75 9.69
C ASN B 236 12.87 -42.41 10.05
N LYS B 237 13.52 -41.61 9.22
CA LYS B 237 14.85 -41.13 9.53
C LYS B 237 15.04 -39.79 8.82
N THR B 238 16.10 -39.10 9.18
CA THR B 238 16.39 -37.83 8.53
C THR B 238 16.53 -38.06 7.04
N VAL B 239 15.89 -37.19 6.26
CA VAL B 239 15.91 -37.25 4.81
C VAL B 239 15.90 -35.81 4.33
N SER B 240 16.16 -35.63 3.03
CA SER B 240 15.99 -34.31 2.45
C SER B 240 14.57 -33.84 2.70
N GLU B 241 14.36 -32.53 2.53
CA GLU B 241 13.01 -32.04 2.71
C GLU B 241 12.17 -32.21 1.46
N GLU B 242 12.80 -32.29 0.29
CA GLU B 242 12.07 -32.66 -0.91
C GLU B 242 11.40 -34.02 -0.74
N LYS B 243 12.15 -34.99 -0.18
CA LYS B 243 11.60 -36.31 0.11
C LYS B 243 10.53 -36.24 1.19
N ALA B 244 10.87 -35.69 2.35
CA ALA B 244 9.89 -35.55 3.43
C ALA B 244 8.60 -34.93 2.92
N LYS B 245 8.70 -33.93 2.06
CA LYS B 245 7.51 -33.29 1.54
C LYS B 245 6.73 -34.25 0.65
N GLN B 246 7.43 -35.04 -0.15
CA GLN B 246 6.75 -36.03 -0.98
C GLN B 246 6.00 -37.02 -0.11
N TYR B 247 6.65 -37.54 0.93
CA TYR B 247 5.99 -38.48 1.81
C TYR B 247 4.84 -37.82 2.58
N LEU B 248 5.08 -36.61 3.13
CA LEU B 248 4.04 -35.93 3.89
C LEU B 248 2.84 -35.64 3.02
N GLU B 249 3.05 -35.48 1.72
CA GLU B 249 1.92 -35.26 0.81
C GLU B 249 1.11 -36.53 0.61
N GLU B 250 1.79 -37.67 0.45
CA GLU B 250 1.08 -38.95 0.41
C GLU B 250 0.31 -39.18 1.71
N PHE B 251 0.94 -38.87 2.85
CA PHE B 251 0.27 -39.07 4.12
C PHE B 251 -0.99 -38.19 4.22
N HIS B 252 -0.90 -36.95 3.77
CA HIS B 252 -2.04 -36.04 3.84
C HIS B 252 -3.22 -36.61 3.08
N GLN B 253 -2.99 -37.05 1.84
CA GLN B 253 -4.07 -37.59 1.01
C GLN B 253 -4.70 -38.81 1.65
N THR B 254 -3.86 -39.74 2.14
CA THR B 254 -4.37 -40.91 2.83
C THR B 254 -5.25 -40.51 3.99
N ALA B 255 -4.73 -39.62 4.85
CA ALA B 255 -5.46 -39.24 6.05
C ALA B 255 -6.78 -38.57 5.71
N LEU B 256 -6.79 -37.84 4.59
CA LEU B 256 -7.97 -37.11 4.18
C LEU B 256 -9.08 -38.05 3.73
N GLU B 257 -8.75 -39.26 3.32
CA GLU B 257 -9.77 -40.23 2.94
C GLU B 257 -10.47 -40.88 4.11
N GLN B 258 -9.98 -40.65 5.41
CA GLN B 258 -10.57 -41.33 6.55
C GLN B 258 -11.80 -40.58 7.10
N PRO B 259 -12.77 -41.30 7.67
CA PRO B 259 -14.05 -40.68 8.01
C PRO B 259 -13.97 -39.62 9.09
N GLU B 260 -12.87 -39.58 9.83
CA GLU B 260 -12.68 -38.55 10.82
C GLU B 260 -12.55 -37.18 10.17
N LEU B 261 -12.16 -37.13 8.90
CA LEU B 261 -11.84 -35.88 8.21
C LEU B 261 -12.71 -35.65 6.98
N SER B 262 -13.89 -36.30 6.89
CA SER B 262 -14.63 -36.26 5.64
C SER B 262 -15.05 -34.83 5.29
N GLU B 263 -15.56 -34.08 6.27
CA GLU B 263 -15.92 -32.70 5.96
C GLU B 263 -14.70 -31.89 5.54
N LEU B 264 -13.58 -32.05 6.26
CA LEU B 264 -12.38 -31.32 5.89
C LEU B 264 -11.98 -31.62 4.46
N LYS B 265 -12.07 -32.89 4.05
CA LYS B 265 -11.80 -33.23 2.66
C LYS B 265 -12.63 -32.36 1.72
N THR B 266 -13.87 -32.12 2.08
CA THR B 266 -14.76 -31.41 1.17
C THR B 266 -14.46 -29.91 1.13
N VAL B 267 -14.29 -29.29 2.30
CA VAL B 267 -14.06 -27.84 2.34
C VAL B 267 -12.65 -27.44 1.93
N THR B 268 -11.69 -28.37 1.82
CA THR B 268 -10.35 -28.03 1.37
C THR B 268 -10.02 -28.49 -0.06
N GLY B 269 -11.03 -28.83 -0.86
CA GLY B 269 -10.76 -29.47 -2.14
C GLY B 269 -10.41 -28.54 -3.30
N THR B 270 -10.99 -27.35 -3.35
CA THR B 270 -10.78 -26.42 -4.45
C THR B 270 -9.72 -25.35 -4.17
N ASN B 271 -9.80 -24.70 -3.01
CA ASN B 271 -8.93 -23.56 -2.70
C ASN B 271 -7.48 -24.00 -2.57
N PRO B 272 -6.58 -23.50 -3.43
CA PRO B 272 -5.18 -23.97 -3.37
C PRO B 272 -4.47 -23.63 -2.08
N VAL B 273 -5.01 -22.71 -1.27
CA VAL B 273 -4.37 -22.44 0.01
C VAL B 273 -4.51 -23.63 0.95
N PHE B 274 -5.58 -24.41 0.82
CA PHE B 274 -5.85 -25.52 1.73
C PHE B 274 -5.37 -26.86 1.18
N ALA B 275 -4.48 -26.84 0.19
CA ALA B 275 -4.02 -28.04 -0.50
C ALA B 275 -3.05 -28.84 0.36
N GLY B 276 -2.97 -30.13 0.06
CA GLY B 276 -2.09 -30.99 0.81
C GLY B 276 -0.68 -30.45 0.91
N ALA B 277 -0.19 -29.85 -0.18
CA ALA B 277 1.19 -29.38 -0.17
C ALA B 277 1.42 -28.31 0.90
N ASN B 278 0.44 -27.44 1.13
CA ASN B 278 0.67 -26.42 2.13
C ASN B 278 0.64 -27.01 3.54
N TYR B 279 -0.24 -27.98 3.79
CA TYR B 279 -0.17 -28.69 5.06
C TYR B 279 1.20 -29.31 5.26
N ALA B 280 1.80 -29.86 4.18
CA ALA B 280 3.10 -30.52 4.31
C ALA B 280 4.22 -29.53 4.53
N ALA B 281 4.21 -28.43 3.77
CA ALA B 281 5.18 -27.35 3.99
C ALA B 281 5.11 -26.86 5.41
N TRP B 282 3.91 -26.56 5.89
CA TRP B 282 3.72 -26.21 7.27
C TRP B 282 4.40 -27.23 8.18
N ALA B 283 4.04 -28.52 8.00
CA ALA B 283 4.51 -29.56 8.92
C ALA B 283 6.03 -29.64 8.90
N VAL B 284 6.62 -29.50 7.73
CA VAL B 284 8.07 -29.51 7.63
C VAL B 284 8.64 -28.33 8.40
N ASN B 285 8.08 -27.13 8.19
CA ASN B 285 8.64 -25.96 8.87
C ASN B 285 8.56 -26.12 10.39
N VAL B 286 7.43 -26.62 10.89
CA VAL B 286 7.30 -26.81 12.33
C VAL B 286 8.41 -27.73 12.84
N ALA B 287 8.54 -28.90 12.21
CA ALA B 287 9.57 -29.84 12.63
C ALA B 287 10.97 -29.22 12.63
N GLN B 288 11.19 -28.23 11.78
CA GLN B 288 12.53 -27.68 11.60
C GLN B 288 12.88 -26.61 12.63
N VAL B 289 11.92 -26.08 13.36
CA VAL B 289 12.22 -25.01 14.33
C VAL B 289 12.02 -25.44 15.77
N ILE B 290 11.48 -26.63 16.03
CA ILE B 290 11.19 -27.06 17.38
C ILE B 290 12.31 -27.98 17.84
N ASP B 291 13.03 -27.57 18.88
CA ASP B 291 14.01 -28.42 19.52
C ASP B 291 13.43 -28.89 20.85
N SER B 292 14.21 -29.69 21.57
CA SER B 292 13.67 -30.37 22.75
C SER B 292 13.30 -29.37 23.84
N GLU B 293 14.19 -28.42 24.14
CA GLU B 293 13.85 -27.38 25.09
C GLU B 293 12.57 -26.68 24.64
N THR B 294 12.53 -26.23 23.39
CA THR B 294 11.37 -25.50 22.91
C THR B 294 10.10 -26.34 23.05
N ALA B 295 10.15 -27.61 22.63
CA ALA B 295 8.98 -28.47 22.66
C ALA B 295 8.42 -28.64 24.06
N ASP B 296 9.27 -28.51 25.08
CA ASP B 296 8.85 -28.71 26.46
C ASP B 296 8.15 -27.50 27.07
N ASN B 297 8.29 -26.31 26.48
CA ASN B 297 7.79 -25.08 27.08
C ASN B 297 6.74 -24.45 26.16
N LEU B 298 5.53 -24.30 26.69
CA LEU B 298 4.44 -23.80 25.87
C LEU B 298 4.72 -22.38 25.36
N GLU B 299 5.26 -21.52 26.22
CA GLU B 299 5.61 -20.15 25.81
C GLU B 299 6.61 -20.15 24.68
N LYS B 300 7.64 -21.00 24.77
CA LYS B 300 8.68 -21.03 23.74
C LYS B 300 8.16 -21.62 22.44
N THR B 301 7.30 -22.62 22.53
CA THR B 301 6.71 -23.20 21.32
C THR B 301 5.84 -22.18 20.59
N THR B 302 5.06 -21.39 21.33
CA THR B 302 4.21 -20.40 20.66
C THR B 302 5.06 -19.31 20.01
N ALA B 303 6.08 -18.82 20.71
CA ALA B 303 7.00 -17.86 20.10
C ALA B 303 7.58 -18.41 18.79
N ALA B 304 7.99 -19.67 18.81
CA ALA B 304 8.54 -20.28 17.61
C ALA B 304 7.48 -20.41 16.52
N LEU B 305 6.35 -21.01 16.85
CA LEU B 305 5.31 -21.21 15.85
C LEU B 305 4.80 -19.88 15.27
N SER B 306 4.83 -18.82 16.07
CA SER B 306 4.14 -17.59 15.69
C SER B 306 4.85 -16.80 14.62
N ILE B 307 6.08 -17.16 14.24
CA ILE B 307 6.81 -16.41 13.22
C ILE B 307 6.94 -17.19 11.94
N LEU B 308 6.23 -18.33 11.81
CA LEU B 308 6.21 -19.12 10.60
C LEU B 308 5.20 -18.59 9.58
N PRO B 309 5.52 -18.69 8.29
CA PRO B 309 4.50 -18.46 7.26
C PRO B 309 3.58 -19.66 7.10
N GLY B 310 2.46 -19.43 6.44
CA GLY B 310 1.62 -20.53 6.00
C GLY B 310 0.57 -21.02 6.99
N ILE B 311 0.43 -20.43 8.17
CA ILE B 311 -0.58 -20.92 9.10
C ILE B 311 -2.00 -20.77 8.55
N GLY B 312 -2.20 -19.97 7.51
CA GLY B 312 -3.53 -19.86 6.94
C GLY B 312 -4.03 -21.15 6.34
N SER B 313 -3.12 -22.01 5.89
CA SER B 313 -3.52 -23.31 5.38
C SER B 313 -4.25 -24.11 6.44
N VAL B 314 -3.71 -24.13 7.65
CA VAL B 314 -4.26 -24.92 8.73
C VAL B 314 -5.53 -24.29 9.28
N MET B 315 -5.56 -22.97 9.33
CA MET B 315 -6.69 -22.26 9.91
C MET B 315 -7.87 -22.14 8.95
N GLY B 316 -7.67 -22.45 7.68
CA GLY B 316 -8.70 -22.18 6.70
C GLY B 316 -9.01 -20.71 6.55
N ILE B 317 -8.00 -19.84 6.62
CA ILE B 317 -8.18 -18.41 6.43
C ILE B 317 -7.54 -17.98 5.11
N ALA B 318 -8.36 -17.45 4.20
CA ALA B 318 -7.87 -16.92 2.94
C ALA B 318 -8.92 -15.96 2.37
N ASP B 319 -8.45 -15.07 1.50
CA ASP B 319 -9.32 -14.18 0.74
C ASP B 319 -10.19 -13.30 1.64
N GLY B 320 -9.71 -12.94 2.83
CA GLY B 320 -10.45 -12.08 3.73
C GLY B 320 -11.50 -12.77 4.57
N ALA B 321 -11.55 -14.09 4.55
CA ALA B 321 -12.57 -14.86 5.26
C ALA B 321 -11.95 -15.99 6.04
N VAL B 322 -12.55 -16.28 7.20
CA VAL B 322 -12.24 -17.48 7.98
C VAL B 322 -13.22 -18.55 7.52
N HIS B 323 -12.73 -19.48 6.73
CA HIS B 323 -13.59 -20.53 6.17
C HIS B 323 -13.87 -21.64 7.17
N HIS B 324 -12.85 -22.07 7.91
CA HIS B 324 -12.99 -23.13 8.93
C HIS B 324 -13.62 -22.47 10.13
N ASN B 325 -14.95 -22.44 10.16
CA ASN B 325 -15.66 -21.66 11.17
C ASN B 325 -16.69 -22.47 11.94
N THR B 326 -16.51 -23.77 11.99
CA THR B 326 -17.29 -24.64 12.86
C THR B 326 -16.34 -25.47 13.72
N GLU B 327 -16.80 -25.79 14.94
CA GLU B 327 -15.95 -26.55 15.84
C GLU B 327 -15.46 -27.83 15.19
N GLU B 328 -16.32 -28.52 14.45
CA GLU B 328 -15.95 -29.80 13.88
C GLU B 328 -14.84 -29.65 12.83
N ILE B 329 -14.90 -28.62 11.98
CA ILE B 329 -13.91 -28.52 10.92
C ILE B 329 -12.58 -27.97 11.45
N VAL B 330 -12.62 -27.10 12.46
CA VAL B 330 -11.39 -26.63 13.07
C VAL B 330 -10.64 -27.78 13.72
N ALA B 331 -11.37 -28.67 14.41
CA ALA B 331 -10.73 -29.79 15.09
C ALA B 331 -10.16 -30.78 14.10
N GLN B 332 -10.88 -31.04 13.00
CA GLN B 332 -10.32 -31.89 11.95
C GLN B 332 -9.05 -31.28 11.39
N SER B 333 -9.02 -29.96 11.18
CA SER B 333 -7.81 -29.38 10.63
C SER B 333 -6.67 -29.42 11.65
N ILE B 334 -6.98 -29.12 12.90
CA ILE B 334 -5.94 -29.24 13.93
C ILE B 334 -5.50 -30.70 14.07
N ALA B 335 -6.43 -31.66 14.04
CA ALA B 335 -6.04 -33.06 14.17
C ALA B 335 -5.11 -33.48 13.04
N LEU B 336 -5.47 -33.14 11.80
CA LEU B 336 -4.65 -33.51 10.66
C LEU B 336 -3.25 -32.93 10.76
N SER B 337 -3.15 -31.62 11.02
CA SER B 337 -1.84 -30.99 11.15
C SER B 337 -1.02 -31.65 12.26
N SER B 338 -1.66 -31.98 13.38
CA SER B 338 -0.96 -32.64 14.48
C SER B 338 -0.31 -33.94 14.01
N LEU B 339 -1.06 -34.78 13.30
CA LEU B 339 -0.49 -36.03 12.83
C LEU B 339 0.66 -35.78 11.85
N MET B 340 0.52 -34.77 11.00
CA MET B 340 1.54 -34.50 9.99
C MET B 340 2.84 -34.00 10.63
N VAL B 341 2.72 -33.19 11.69
CA VAL B 341 3.91 -32.80 12.44
C VAL B 341 4.58 -34.03 13.02
N ALA B 342 3.78 -34.99 13.52
CA ALA B 342 4.33 -36.18 14.15
C ALA B 342 5.13 -37.02 13.14
N GLN B 343 4.63 -37.09 11.90
CA GLN B 343 5.37 -37.76 10.84
C GLN B 343 6.56 -36.95 10.38
N ALA B 344 6.51 -35.62 10.52
CA ALA B 344 7.56 -34.78 9.97
C ALA B 344 8.81 -34.78 10.85
N ILE B 345 8.64 -34.96 12.15
CA ILE B 345 9.76 -34.78 13.07
C ILE B 345 10.88 -35.78 12.81
N PRO B 346 10.62 -37.07 12.61
CA PRO B 346 11.74 -38.00 12.33
C PRO B 346 12.45 -37.69 11.03
N LEU B 347 11.78 -37.05 10.08
CA LEU B 347 12.35 -36.81 8.75
C LEU B 347 13.19 -35.54 8.67
N VAL B 348 12.98 -34.58 9.56
CA VAL B 348 13.66 -33.29 9.45
C VAL B 348 13.72 -32.57 10.80
N GLY B 349 13.61 -33.30 11.90
CA GLY B 349 13.69 -32.68 13.24
C GLY B 349 14.56 -33.48 14.19
N GLU B 350 14.32 -33.39 15.51
CA GLU B 350 15.09 -34.19 16.51
C GLU B 350 14.48 -34.12 17.92
N LEU B 351 13.27 -34.66 18.13
CA LEU B 351 12.60 -34.51 19.46
C LEU B 351 11.58 -35.62 19.70
N VAL B 352 10.87 -35.56 20.82
CA VAL B 352 9.86 -36.61 21.14
C VAL B 352 8.60 -36.34 20.32
N ASP B 353 8.33 -37.19 19.33
CA ASP B 353 7.14 -37.03 18.47
C ASP B 353 5.89 -37.07 19.35
N GLY B 355 4.39 -37.41 21.43
CA GLY B 355 5.01 -36.40 22.30
C GLY B 355 4.57 -35.01 21.95
N PHE B 356 5.44 -34.23 21.31
CA PHE B 356 5.14 -32.82 21.12
C PHE B 356 3.91 -32.61 20.25
N ALA B 357 3.77 -33.41 19.19
CA ALA B 357 2.77 -33.15 18.17
C ALA B 357 1.34 -33.17 18.74
N ALA B 358 1.08 -34.01 19.73
CA ALA B 358 -0.25 -34.11 20.32
C ALA B 358 -0.44 -33.24 21.56
N TYR B 359 0.61 -32.61 22.08
CA TYR B 359 0.42 -31.83 23.30
C TYR B 359 0.72 -30.35 23.07
N ASN B 360 1.95 -29.91 23.32
CA ASN B 360 2.19 -28.47 23.30
C ASN B 360 1.95 -27.88 21.90
N PHE B 361 2.13 -28.68 20.86
CA PHE B 361 1.84 -28.17 19.52
C PHE B 361 0.36 -27.83 19.39
N VAL B 362 -0.50 -28.75 19.82
CA VAL B 362 -1.93 -28.50 19.80
C VAL B 362 -2.29 -27.32 20.67
N GLU B 363 -1.72 -27.28 21.88
CA GLU B 363 -2.04 -26.18 22.78
C GLU B 363 -1.63 -24.86 22.16
N SER B 364 -0.51 -24.87 21.46
CA SER B 364 0.04 -23.64 20.92
C SER B 364 -0.75 -23.15 19.72
N ILE B 365 -1.01 -24.04 18.76
CA ILE B 365 -1.75 -23.63 17.57
C ILE B 365 -3.17 -23.19 17.94
N ILE B 366 -3.75 -23.75 18.99
CA ILE B 366 -5.07 -23.31 19.41
C ILE B 366 -5.03 -21.83 19.76
N ASN B 367 -4.00 -21.43 20.51
CA ASN B 367 -3.85 -20.04 20.89
C ASN B 367 -3.69 -19.14 19.68
N LEU B 368 -2.96 -19.62 18.65
CA LEU B 368 -2.80 -18.84 17.43
C LEU B 368 -4.12 -18.70 16.66
N PHE B 369 -4.88 -19.78 16.50
CA PHE B 369 -6.26 -19.64 15.98
C PHE B 369 -7.02 -18.52 16.72
N GLN B 370 -7.03 -18.57 18.06
CA GLN B 370 -7.81 -17.60 18.82
C GLN B 370 -7.37 -16.17 18.51
N VAL B 371 -6.06 -15.94 18.41
CA VAL B 371 -5.55 -14.61 18.08
C VAL B 371 -6.12 -14.12 16.76
N VAL B 372 -6.04 -14.96 15.74
CA VAL B 372 -6.43 -14.55 14.41
C VAL B 372 -7.93 -14.44 14.27
N HIS B 373 -8.67 -15.41 14.80
CA HIS B 373 -10.13 -15.27 14.85
C HIS B 373 -10.53 -13.95 15.50
N ASN B 374 -9.81 -13.54 16.53
CA ASN B 374 -10.22 -12.31 17.23
C ASN B 374 -9.98 -11.08 16.35
N SER B 375 -8.88 -11.05 15.61
CA SER B 375 -8.64 -10.03 14.58
C SER B 375 -9.79 -9.91 13.58
N TYR B 376 -10.25 -11.04 13.07
CA TYR B 376 -11.33 -11.05 12.08
C TYR B 376 -12.70 -10.73 12.67
N ASN B 377 -12.91 -10.95 13.98
CA ASN B 377 -14.12 -10.49 14.65
C ASN B 377 -14.17 -8.98 14.85
N ARG B 378 -13.00 -8.30 14.86
CA ARG B 378 -13.00 -6.89 15.20
C ARG B 378 -13.32 -6.05 13.96
N PRO B 379 -14.17 -5.04 14.11
CA PRO B 379 -14.49 -4.14 13.00
C PRO B 379 -13.23 -3.60 12.35
N ALA B 380 -13.23 -3.59 11.01
CA ALA B 380 -12.03 -3.29 10.25
C ALA B 380 -12.42 -3.00 8.82
N TYR B 381 -11.84 -1.94 8.26
CA TYR B 381 -12.03 -1.66 6.85
C TYR B 381 -11.30 -2.69 5.98
N SER B 382 -12.00 -3.19 4.96
CA SER B 382 -11.46 -4.18 4.04
C SER B 382 -10.55 -3.54 3.00
N PRO B 383 -9.78 -4.35 2.27
CA PRO B 383 -8.91 -3.80 1.22
C PRO B 383 -9.66 -2.87 0.26
N GLY B 384 -9.10 -1.70 0.03
CA GLY B 384 -9.68 -0.73 -0.88
C GLY B 384 -10.79 0.13 -0.30
N HIS B 385 -11.09 -0.04 0.99
CA HIS B 385 -11.96 0.88 1.72
C HIS B 385 -11.09 1.87 2.49
N LYS B 386 -11.54 3.11 2.56
CA LYS B 386 -10.84 4.21 3.27
C LYS B 386 -9.41 4.17 2.75
N THR B 387 -8.39 4.20 3.62
CA THR B 387 -7.01 4.19 3.16
C THR B 387 -6.36 2.81 3.29
N GLN B 388 -7.15 1.72 3.37
CA GLN B 388 -6.57 0.38 3.37
C GLN B 388 -6.24 -0.05 1.94
N PRO B 389 -5.02 -0.45 1.66
CA PRO B 389 -4.67 -0.79 0.28
C PRO B 389 -5.36 -2.05 -0.24
N PHE B 390 -5.64 -2.04 -1.53
CA PHE B 390 -6.12 -3.20 -2.26
C PHE B 390 -4.91 -3.81 -2.96
N LEU B 391 -4.54 -5.03 -2.59
CA LEU B 391 -3.36 -5.74 -3.06
C LEU B 391 -3.79 -6.90 -3.94
N HIS B 392 -3.29 -6.93 -5.17
CA HIS B 392 -3.80 -7.88 -6.16
C HIS B 392 -2.88 -7.87 -7.39
N ASP B 393 -2.47 -9.06 -7.83
CA ASP B 393 -1.78 -9.25 -9.10
C ASP B 393 -0.50 -8.42 -9.19
N GLY B 394 0.14 -8.15 -8.06
CA GLY B 394 1.39 -7.42 -8.02
C GLY B 394 1.25 -5.93 -7.81
N TYR B 395 0.05 -5.38 -7.95
CA TYR B 395 -0.22 -3.96 -7.76
C TYR B 395 -0.58 -3.67 -6.31
N ALA B 396 -0.49 -2.38 -5.94
CA ALA B 396 -1.07 -1.86 -4.70
C ALA B 396 -1.77 -0.54 -5.01
N VAL B 397 -3.05 -0.45 -4.68
CA VAL B 397 -3.80 0.78 -4.89
C VAL B 397 -4.52 1.17 -3.61
N SER B 398 -4.71 2.48 -3.41
CA SER B 398 -5.41 2.95 -2.24
C SER B 398 -5.92 4.36 -2.49
N TRP B 399 -6.99 4.72 -1.76
CA TRP B 399 -7.40 6.11 -1.69
C TRP B 399 -6.30 6.88 -0.99
N ASN B 400 -6.01 8.10 -1.46
CA ASN B 400 -4.92 8.86 -0.88
C ASN B 400 -5.25 9.29 0.54
N THR B 401 -6.52 9.62 0.79
CA THR B 401 -6.98 10.04 2.11
C THR B 401 -8.41 9.54 2.32
N VAL B 402 -8.83 9.51 3.59
CA VAL B 402 -10.21 9.14 3.92
C VAL B 402 -11.20 9.97 3.10
N GLU B 403 -10.98 11.27 3.01
CA GLU B 403 -11.99 12.10 2.31
C GLU B 403 -12.06 11.76 0.83
N ASP B 404 -10.93 11.38 0.20
CA ASP B 404 -10.95 10.99 -1.21
C ASP B 404 -11.94 9.87 -1.46
N SER B 405 -12.06 8.94 -0.50
CA SER B 405 -12.96 7.80 -0.68
C SER B 405 -14.44 8.15 -0.44
N ILE B 406 -14.77 9.43 -0.24
CA ILE B 406 -16.14 9.88 -0.07
C ILE B 406 -16.55 10.75 -1.26
N ILE B 407 -17.60 10.35 -1.95
CA ILE B 407 -18.28 11.19 -2.93
C ILE B 407 -19.40 11.92 -2.18
N ARG B 408 -19.17 13.19 -1.86
CA ARG B 408 -20.20 13.98 -1.20
C ARG B 408 -21.34 14.28 -2.17
N THR B 409 -22.54 14.48 -1.62
CA THR B 409 -23.70 14.73 -2.45
C THR B 409 -24.54 15.85 -1.82
N GLY B 410 -25.59 16.25 -2.53
CA GLY B 410 -26.42 17.33 -2.05
C GLY B 410 -25.97 18.72 -2.47
N PHE B 411 -25.21 18.84 -3.55
CA PHE B 411 -24.77 20.15 -4.00
C PHE B 411 -24.45 20.06 -5.48
N GLN B 412 -24.47 21.22 -6.13
CA GLN B 412 -24.09 21.36 -7.52
C GLN B 412 -22.62 21.74 -7.57
N GLY B 413 -21.85 21.06 -8.42
CA GLY B 413 -20.45 21.42 -8.53
C GLY B 413 -19.52 20.22 -8.59
N GLU B 414 -18.27 20.45 -8.21
CA GLU B 414 -17.18 19.55 -8.55
C GLU B 414 -16.56 18.96 -7.28
N SER B 415 -15.89 17.82 -7.45
CA SER B 415 -15.04 17.26 -6.40
C SER B 415 -13.89 16.50 -7.06
N GLY B 416 -12.78 16.39 -6.33
CA GLY B 416 -11.64 15.61 -6.77
C GLY B 416 -11.31 14.48 -5.80
N HIS B 417 -10.70 13.43 -6.32
CA HIS B 417 -10.45 12.20 -5.57
C HIS B 417 -9.14 11.59 -6.06
N ASP B 418 -8.17 11.44 -5.15
CA ASP B 418 -6.86 10.92 -5.50
C ASP B 418 -6.77 9.44 -5.11
N ILE B 419 -6.28 8.65 -6.03
CA ILE B 419 -6.02 7.22 -5.87
C ILE B 419 -4.54 6.97 -6.19
N LYS B 420 -3.82 6.38 -5.22
CA LYS B 420 -2.42 6.02 -5.39
C LYS B 420 -2.29 4.63 -5.99
N ILE B 421 -1.29 4.44 -6.86
CA ILE B 421 -1.12 3.20 -7.62
C ILE B 421 0.37 2.89 -7.76
N THR B 422 0.78 1.67 -7.43
CA THR B 422 2.13 1.23 -7.78
C THR B 422 2.13 -0.29 -7.91
N ALA B 423 3.31 -0.87 -8.09
CA ALA B 423 3.42 -2.32 -8.16
C ALA B 423 4.74 -2.72 -7.50
N GLU B 424 4.86 -4.03 -7.28
CA GLU B 424 5.88 -4.57 -6.39
C GLU B 424 7.24 -4.72 -7.05
N ASN B 425 7.31 -4.99 -8.35
CA ASN B 425 8.61 -5.22 -8.97
C ASN B 425 8.68 -4.71 -10.42
N THR B 426 8.38 -5.58 -11.39
CA THR B 426 8.53 -5.17 -12.79
C THR B 426 7.39 -4.27 -13.24
N PRO B 427 7.59 -3.53 -14.34
CA PRO B 427 6.58 -2.55 -14.80
C PRO B 427 5.30 -3.23 -15.31
N LEU B 428 4.19 -2.93 -14.62
CA LEU B 428 2.87 -3.46 -14.90
C LEU B 428 1.98 -2.32 -15.37
N PRO B 429 1.18 -2.53 -16.42
CA PRO B 429 0.42 -1.43 -17.01
C PRO B 429 -0.87 -1.14 -16.26
N ILE B 430 -1.31 0.10 -16.39
CA ILE B 430 -2.67 0.50 -16.05
C ILE B 430 -3.40 0.80 -17.34
N ALA B 431 -4.35 -0.05 -17.70
CA ALA B 431 -5.13 0.10 -18.92
C ALA B 431 -6.19 1.18 -18.85
N GLY B 432 -6.73 1.47 -17.67
CA GLY B 432 -7.79 2.46 -17.55
C GLY B 432 -8.57 2.30 -16.26
N VAL B 433 -9.64 3.08 -16.14
CA VAL B 433 -10.43 3.12 -14.92
C VAL B 433 -11.91 3.20 -15.23
N LEU B 434 -12.69 2.36 -14.53
CA LEU B 434 -14.14 2.35 -14.57
C LEU B 434 -14.71 3.24 -13.48
N LEU B 435 -15.56 4.17 -13.87
CA LEU B 435 -16.04 5.18 -12.97
C LEU B 435 -17.56 5.21 -12.98
N PRO B 436 -18.20 5.51 -11.85
CA PRO B 436 -19.67 5.53 -11.83
C PRO B 436 -20.18 6.84 -12.39
N THR B 437 -21.36 6.77 -13.00
CA THR B 437 -22.11 7.96 -13.40
C THR B 437 -23.59 7.72 -13.19
N ILE B 438 -24.32 8.81 -12.98
CA ILE B 438 -25.77 8.77 -12.82
C ILE B 438 -26.36 9.60 -13.94
N PRO B 439 -27.21 9.03 -14.82
CA PRO B 439 -27.68 9.77 -15.99
C PRO B 439 -28.05 11.21 -15.67
N GLY B 440 -28.75 11.41 -14.56
CA GLY B 440 -29.19 12.74 -14.20
C GLY B 440 -28.13 13.70 -13.67
N LYS B 441 -27.42 13.33 -12.60
CA LYS B 441 -26.76 14.34 -11.78
C LYS B 441 -25.35 14.00 -11.33
N LEU B 442 -24.62 13.13 -12.03
CA LEU B 442 -23.24 12.85 -11.64
C LEU B 442 -22.47 12.48 -12.89
N ASP B 443 -21.47 13.28 -13.21
CA ASP B 443 -20.72 13.12 -14.45
C ASP B 443 -19.23 13.15 -14.15
N VAL B 444 -18.45 12.57 -15.05
CA VAL B 444 -16.99 12.63 -15.00
C VAL B 444 -16.54 13.90 -15.72
N ASN B 445 -15.97 14.83 -14.97
CA ASN B 445 -15.36 16.03 -15.54
C ASN B 445 -14.11 15.59 -16.31
N LYS B 446 -14.23 15.52 -17.64
CA LYS B 446 -13.22 14.89 -18.48
C LYS B 446 -11.93 15.69 -18.59
N SER B 447 -11.95 16.99 -18.34
CA SER B 447 -10.71 17.74 -18.49
C SER B 447 -9.86 17.75 -17.22
N LYS B 448 -10.48 17.60 -16.05
CA LYS B 448 -9.74 17.56 -14.79
C LYS B 448 -9.32 16.16 -14.38
N THR B 449 -9.83 15.11 -15.05
CA THR B 449 -9.55 13.73 -14.66
C THR B 449 -8.30 13.28 -15.40
N HIS B 450 -7.27 12.88 -14.65
CA HIS B 450 -5.99 12.60 -15.26
C HIS B 450 -5.25 11.63 -14.36
N ILE B 451 -4.11 11.16 -14.85
CA ILE B 451 -3.24 10.29 -14.09
C ILE B 451 -1.82 10.80 -14.22
N SER B 452 -1.09 10.75 -13.11
CA SER B 452 0.24 11.32 -13.01
C SER B 452 1.22 10.22 -12.57
N VAL B 453 2.20 9.93 -13.43
CA VAL B 453 3.17 8.86 -13.27
C VAL B 453 4.53 9.47 -12.95
N ASN B 454 4.97 9.29 -11.70
CA ASN B 454 6.16 9.96 -11.18
C ASN B 454 6.19 11.43 -11.62
N GLY B 455 5.04 12.11 -11.54
CA GLY B 455 4.92 13.51 -11.86
C GLY B 455 4.53 13.81 -13.28
N ARG B 456 4.66 12.85 -14.20
CA ARG B 456 4.33 13.08 -15.60
C ARG B 456 2.82 13.06 -15.77
N LYS B 457 2.27 14.18 -16.17
CA LYS B 457 0.82 14.30 -16.28
C LYS B 457 0.36 13.64 -17.56
N ILE B 458 -0.64 12.78 -17.45
CA ILE B 458 -1.19 12.07 -18.60
C ILE B 458 -2.68 12.32 -18.61
N ARG B 459 -3.17 12.88 -19.71
CA ARG B 459 -4.59 13.18 -19.85
C ARG B 459 -5.32 11.90 -20.28
N MET B 460 -6.64 11.91 -20.18
CA MET B 460 -7.44 10.71 -20.36
C MET B 460 -8.50 10.93 -21.41
N ARG B 461 -8.84 9.84 -22.11
CA ARG B 461 -9.95 9.80 -23.05
C ARG B 461 -11.03 8.93 -22.44
N CYS B 462 -12.17 9.56 -22.14
CA CYS B 462 -13.27 8.97 -21.40
C CYS B 462 -14.45 8.75 -22.33
N ARG B 463 -14.96 7.52 -22.35
CA ARG B 463 -16.08 7.12 -23.19
C ARG B 463 -17.04 6.30 -22.33
N ALA B 464 -18.35 6.49 -22.56
CA ALA B 464 -19.37 5.81 -21.78
C ALA B 464 -19.59 4.38 -22.26
N ILE B 465 -19.73 3.45 -21.30
CA ILE B 465 -20.13 2.08 -21.58
C ILE B 465 -21.65 1.95 -21.60
N ASP B 466 -22.29 2.60 -20.65
CA ASP B 466 -23.74 2.66 -20.54
C ASP B 466 -24.05 3.97 -19.82
N GLY B 467 -25.29 4.12 -19.35
CA GLY B 467 -25.65 5.35 -18.68
C GLY B 467 -25.11 5.49 -17.26
N ASP B 468 -24.53 4.41 -16.71
CA ASP B 468 -24.07 4.42 -15.32
C ASP B 468 -22.58 4.14 -15.16
N VAL B 469 -21.82 3.94 -16.24
CA VAL B 469 -20.43 3.50 -16.18
C VAL B 469 -19.64 4.21 -17.28
N THR B 470 -18.69 5.06 -16.87
CA THR B 470 -17.72 5.68 -17.77
C THR B 470 -16.39 4.95 -17.67
N PHE B 471 -15.75 4.75 -18.83
CA PHE B 471 -14.42 4.16 -18.90
C PHE B 471 -13.45 5.20 -19.43
N CYS B 472 -12.33 5.42 -18.71
CA CYS B 472 -11.32 6.39 -19.10
C CYS B 472 -9.99 5.70 -19.35
N ARG B 473 -9.39 5.95 -20.54
CA ARG B 473 -8.10 5.37 -20.95
C ARG B 473 -7.02 6.44 -20.93
N PRO B 474 -5.84 6.17 -20.37
CA PRO B 474 -4.74 7.14 -20.47
C PRO B 474 -4.29 7.33 -21.92
N LYS B 475 -3.87 8.54 -22.24
CA LYS B 475 -3.49 8.87 -23.61
C LYS B 475 -2.02 8.58 -23.93
N SER B 476 -1.18 8.37 -22.93
CA SER B 476 0.13 7.76 -23.08
C SER B 476 0.15 6.51 -22.21
N PRO B 477 0.98 5.54 -22.51
CA PRO B 477 1.02 4.33 -21.70
C PRO B 477 1.38 4.63 -20.25
N VAL B 478 0.65 4.01 -19.32
CA VAL B 478 0.97 4.05 -17.90
C VAL B 478 1.58 2.71 -17.47
N TYR B 479 2.73 2.78 -16.84
CA TYR B 479 3.32 1.64 -16.15
C TYR B 479 3.70 2.04 -14.72
N VAL B 480 3.55 1.08 -13.80
CA VAL B 480 3.97 1.29 -12.42
C VAL B 480 4.83 0.10 -12.02
N GLY B 481 5.61 0.30 -10.95
CA GLY B 481 6.41 -0.77 -10.40
C GLY B 481 7.32 -0.22 -9.33
N ASN B 482 8.28 -1.04 -8.91
CA ASN B 482 9.25 -0.60 -7.91
C ASN B 482 9.89 0.70 -8.34
N GLY B 483 9.64 1.76 -7.59
CA GLY B 483 10.17 3.06 -7.92
C GLY B 483 9.33 3.87 -8.90
N VAL B 484 8.26 3.32 -9.45
CA VAL B 484 7.37 4.10 -10.32
C VAL B 484 5.95 4.01 -9.80
N HIS B 485 5.38 5.15 -9.45
CA HIS B 485 4.02 5.16 -8.93
C HIS B 485 3.19 6.19 -9.66
N ALA B 486 1.88 6.04 -9.53
CA ALA B 486 0.95 6.93 -10.19
C ALA B 486 -0.07 7.44 -9.17
N ASN B 487 -0.58 8.64 -9.47
CA ASN B 487 -1.71 9.25 -8.78
C ASN B 487 -2.84 9.42 -9.78
N LEU B 488 -3.95 8.73 -9.55
CA LEU B 488 -5.12 8.88 -10.42
C LEU B 488 -6.03 9.90 -9.79
N HIS B 489 -6.27 11.00 -10.50
CA HIS B 489 -7.14 12.04 -10.01
C HIS B 489 -8.45 11.95 -10.78
N VAL B 490 -9.52 11.65 -10.06
CA VAL B 490 -10.85 11.52 -10.63
C VAL B 490 -11.62 12.75 -10.23
N ALA B 491 -12.29 13.37 -11.19
CA ALA B 491 -13.08 14.57 -10.90
C ALA B 491 -14.52 14.33 -11.32
N PHE B 492 -15.44 14.66 -10.41
CA PHE B 492 -16.87 14.43 -10.61
C PHE B 492 -17.57 15.79 -10.66
N HIS B 493 -18.52 15.91 -11.56
CA HIS B 493 -19.38 17.08 -11.63
C HIS B 493 -20.80 16.66 -11.29
N ARG B 494 -21.44 17.44 -10.41
CA ARG B 494 -22.85 17.27 -10.07
C ARG B 494 -23.63 18.42 -10.69
N SER B 495 -24.64 18.11 -11.51
CA SER B 495 -25.45 19.12 -12.18
C SER B 495 -26.64 19.59 -11.34
N SER B 496 -27.16 18.71 -10.50
CA SER B 496 -28.25 19.03 -9.61
C SER B 496 -27.75 19.01 -8.17
N SER B 497 -28.56 19.58 -7.28
CA SER B 497 -28.32 19.56 -5.85
C SER B 497 -29.02 18.40 -5.16
N GLU B 498 -29.78 17.60 -5.91
CA GLU B 498 -30.47 16.46 -5.34
C GLU B 498 -29.49 15.47 -4.75
N LYS B 499 -29.80 14.98 -3.56
CA LYS B 499 -28.96 13.95 -2.95
C LYS B 499 -29.07 12.65 -3.74
N ILE B 500 -27.98 11.90 -3.74
CA ILE B 500 -27.87 10.68 -4.54
C ILE B 500 -28.52 9.53 -3.77
N HIS B 501 -29.65 9.04 -4.29
CA HIS B 501 -30.36 7.92 -3.70
C HIS B 501 -29.68 6.60 -4.06
N SER B 502 -30.01 5.56 -3.29
CA SER B 502 -29.29 4.29 -3.39
C SER B 502 -29.53 3.59 -4.72
N ASN B 503 -30.77 3.63 -5.23
CA ASN B 503 -31.06 2.99 -6.51
C ASN B 503 -30.13 3.51 -7.61
N GLU B 504 -29.80 4.80 -7.55
CA GLU B 504 -29.22 5.47 -8.72
C GLU B 504 -27.86 4.91 -9.11
N ILE B 505 -27.19 4.19 -8.23
CA ILE B 505 -25.80 3.82 -8.43
C ILE B 505 -25.61 2.35 -8.08
N SER B 506 -25.07 1.61 -9.04
CA SER B 506 -24.98 0.15 -8.93
C SER B 506 -23.75 -0.27 -8.13
N SER B 507 -22.57 -0.09 -8.71
CA SER B 507 -21.34 -0.42 -8.02
C SER B 507 -21.15 0.51 -6.81
N ASP B 508 -20.35 0.05 -5.88
CA ASP B 508 -19.85 0.87 -4.78
C ASP B 508 -18.34 1.08 -4.90
N SER B 509 -17.80 0.88 -6.09
CA SER B 509 -16.35 0.86 -6.27
C SER B 509 -15.97 1.51 -7.59
N ILE B 510 -14.80 2.10 -7.57
CA ILE B 510 -14.12 2.53 -8.77
C ILE B 510 -13.21 1.40 -9.21
N GLY B 511 -13.28 1.05 -10.49
CA GLY B 511 -12.53 -0.08 -11.01
C GLY B 511 -11.34 0.30 -11.86
N VAL B 512 -10.14 0.23 -11.29
CA VAL B 512 -8.91 0.43 -12.02
C VAL B 512 -8.50 -0.89 -12.65
N LEU B 513 -8.22 -0.86 -13.96
CA LEU B 513 -7.89 -2.05 -14.72
C LEU B 513 -6.40 -2.10 -14.98
N GLY B 514 -5.81 -3.24 -14.67
CA GLY B 514 -4.41 -3.51 -14.89
C GLY B 514 -4.17 -4.23 -16.21
N TYR B 515 -3.22 -5.15 -16.20
CA TYR B 515 -2.86 -5.84 -17.41
C TYR B 515 -3.94 -6.83 -17.84
N GLN B 516 -3.90 -7.16 -19.12
CA GLN B 516 -4.85 -8.04 -19.77
C GLN B 516 -4.27 -9.45 -19.84
N LYS B 517 -5.02 -10.40 -19.31
CA LYS B 517 -4.69 -11.81 -19.41
C LYS B 517 -5.51 -12.44 -20.55
N THR B 522 -10.40 -15.71 -24.07
CA THR B 522 -11.41 -14.81 -23.50
C THR B 522 -10.73 -13.71 -22.66
N LYS B 523 -10.30 -12.64 -23.34
CA LYS B 523 -9.47 -11.62 -22.71
C LYS B 523 -10.17 -10.99 -21.51
N VAL B 524 -9.44 -10.89 -20.39
CA VAL B 524 -9.94 -10.28 -19.16
C VAL B 524 -8.85 -9.44 -18.54
N ASN B 525 -9.24 -8.37 -17.82
CA ASN B 525 -8.29 -7.46 -17.21
C ASN B 525 -8.21 -7.65 -15.70
N SER B 526 -7.05 -7.31 -15.15
CA SER B 526 -6.86 -7.36 -13.71
C SER B 526 -7.61 -6.20 -13.06
N LYS B 527 -8.44 -6.50 -12.08
CA LYS B 527 -9.37 -5.51 -11.54
C LYS B 527 -8.89 -5.11 -10.15
N LEU B 528 -8.56 -3.83 -9.99
CA LEU B 528 -8.17 -3.25 -8.72
C LEU B 528 -9.30 -2.34 -8.26
N SER B 529 -9.88 -2.64 -7.10
CA SER B 529 -11.10 -1.97 -6.67
C SER B 529 -10.84 -1.01 -5.53
N LEU B 530 -11.39 0.19 -5.66
CA LEU B 530 -11.42 1.20 -4.61
C LEU B 530 -12.87 1.50 -4.25
N PHE B 531 -13.25 1.22 -3.02
CA PHE B 531 -14.65 1.32 -2.63
C PHE B 531 -14.91 2.69 -2.04
N PHE B 532 -16.03 3.29 -2.43
CA PHE B 532 -16.37 4.64 -1.99
C PHE B 532 -17.68 4.64 -1.21
N GLU B 533 -17.95 5.80 -0.61
CA GLU B 533 -19.09 6.01 0.28
C GLU B 533 -19.80 7.28 -0.16
N ILE B 534 -21.10 7.19 -0.43
CA ILE B 534 -21.90 8.39 -0.70
C ILE B 534 -22.34 9.00 0.62
N LYS B 535 -22.02 10.28 0.83
CA LYS B 535 -22.38 10.96 2.08
C LYS B 535 -22.83 12.38 1.80
N SER B 536 -23.81 12.84 2.57
CA SER B 536 -24.15 14.25 2.50
C SER B 536 -23.01 15.09 3.07
N MET B 537 -23.01 16.37 2.74
CA MET B 537 -22.03 17.31 3.29
C MET B 537 -22.24 17.51 4.79
N ALA B 538 -21.17 17.94 5.44
CA ALA B 538 -21.19 18.18 6.89
C ALA B 538 -20.58 19.54 7.22
#